data_4P8P
#
_entry.id   4P8P
#
_cell.length_a   77.619
_cell.length_b   83.958
_cell.length_c   80.874
_cell.angle_alpha   90.00
_cell.angle_beta   103.25
_cell.angle_gamma   90.00
#
_symmetry.space_group_name_H-M   'P 1 21 1'
#
loop_
_entity.id
_entity.type
_entity.pdbx_description
1 polymer 'Probable decaprenylphosphoryl-beta-D-ribose oxidase'
2 non-polymer 'FLAVIN-ADENINE DINUCLEOTIDE'
3 non-polymer '3-[(4-chlorobenzyl)amino]-6-(trifluoromethyl)quinoxaline-2-carboxylic acid'
4 non-polymer (2R)-2-{[(2R)-2-{[(2R)-2-hydroxypropyl]oxy}propyl]oxy}propan-1-ol
5 non-polymer IMIDAZOLE
6 water water
#
_entity_poly.entity_id   1
_entity_poly.type   'polypeptide(L)'
_entity_poly.pdbx_seq_one_letter_code
;GSSHHHHHHSSGLVPRGSHMLSVGATTTATRLTGWGRTAPSVANVLRTPDAEMIVKAVARVAESGGGRGAIARGLGRSYG
DNAQNGGGLVIDMTPLNTIHSIDADTKLVDIDAGVNLDQLMKAALPFGLWVPVLPGTRQVTVGGAIACDIHGKNHHSAGS
FGNHVRSMDLLTADGEIRHLTPTGEDAELFWATVGGNGLTGIIMRATIEMTPTSTAYFIADGDVTASLDETIALHSDGSE
ARYTYSSAWFDAISAPPKLGRAAVSRGRLATVEQLPAKLRSEPLKFDAPQLLTLPDVFPNGLANKYTFGPIGELWYRKSG
TYRGKVQNLTQFYHPLDMFGEWNRAYGPAGFLQYQFVIPTEAVDEFKKIIGVIQASGHYSFLNVFKLFGPRNQAPLSFPI
PGWNICVDFPIKDGLGKFVSELDRRVLEFGGRLYTAKDSRTTAETFHAMYPRVDEWISVRRKVDPLRVFASDMARRLELL
;
_entity_poly.pdbx_strand_id   A,B
#
# COMPACT_ATOMS: atom_id res chain seq x y z
N ALA A 25 -1.87 27.91 -0.46
CA ALA A 25 -0.71 28.63 -1.09
C ALA A 25 -0.18 29.75 -0.18
N THR A 26 1.01 29.53 0.37
CA THR A 26 1.66 30.49 1.27
C THR A 26 3.10 30.75 0.86
N THR A 27 3.43 32.03 0.61
CA THR A 27 4.82 32.44 0.37
C THR A 27 5.44 33.04 1.63
N THR A 28 6.58 32.50 2.04
CA THR A 28 7.18 32.83 3.34
C THR A 28 8.69 32.95 3.25
N ALA A 29 9.23 34.08 3.72
CA ALA A 29 10.67 34.25 3.86
C ALA A 29 11.19 33.27 4.92
N THR A 30 11.99 32.30 4.47
CA THR A 30 12.48 31.24 5.36
C THR A 30 14.00 31.09 5.23
N ARG A 31 14.64 30.77 6.34
CA ARG A 31 16.06 30.49 6.40
C ARG A 31 16.28 29.00 6.15
N LEU A 32 17.00 28.68 5.08
CA LEU A 32 17.17 27.30 4.65
C LEU A 32 18.62 26.84 4.67
N THR A 33 18.84 25.61 5.14
CA THR A 33 20.12 24.92 5.06
C THR A 33 19.86 23.51 4.54
N GLY A 34 20.90 22.87 4.01
CA GLY A 34 20.84 21.44 3.73
C GLY A 34 20.82 20.66 5.03
N TRP A 35 20.89 19.35 4.93
CA TRP A 35 20.93 18.44 6.07
C TRP A 35 22.13 18.67 6.96
N GLY A 36 23.20 19.21 6.36
CA GLY A 36 24.43 19.54 7.10
C GLY A 36 24.34 20.76 7.99
N ARG A 37 23.25 21.51 7.87
CA ARG A 37 22.99 22.70 8.72
C ARG A 37 24.09 23.77 8.63
N THR A 38 24.56 24.06 7.42
CA THR A 38 25.53 25.14 7.18
C THR A 38 25.18 25.97 5.94
N ALA A 39 25.95 27.03 5.71
CA ALA A 39 25.71 27.98 4.61
C ALA A 39 24.21 28.34 4.47
N PRO A 40 23.62 28.95 5.52
CA PRO A 40 22.21 29.30 5.45
C PRO A 40 21.95 30.48 4.52
N SER A 41 20.78 30.51 3.90
CA SER A 41 20.35 31.67 3.13
C SER A 41 18.83 31.84 3.21
N VAL A 42 18.37 33.06 2.93
CA VAL A 42 16.96 33.40 3.10
C VAL A 42 16.28 33.42 1.74
N ALA A 43 15.19 32.68 1.62
CA ALA A 43 14.43 32.59 0.38
C ALA A 43 12.93 32.69 0.64
N ASN A 44 12.19 33.09 -0.39
CA ASN A 44 10.74 33.01 -0.36
C ASN A 44 10.28 31.59 -0.68
N VAL A 45 9.80 30.88 0.35
CA VAL A 45 9.32 29.49 0.20
C VAL A 45 7.82 29.40 -0.08
N LEU A 46 7.51 29.02 -1.32
CA LEU A 46 6.14 28.70 -1.72
C LEU A 46 5.82 27.26 -1.36
N ARG A 47 4.77 27.08 -0.57
CA ARG A 47 4.30 25.75 -0.18
C ARG A 47 2.82 25.59 -0.55
N THR A 48 2.57 25.02 -1.71
CA THR A 48 1.19 24.80 -2.18
C THR A 48 0.99 23.40 -2.78
N PRO A 49 -0.12 22.74 -2.42
CA PRO A 49 -0.49 21.48 -3.07
C PRO A 49 -1.08 21.67 -4.47
N ASP A 50 -1.23 22.93 -4.88
CA ASP A 50 -1.86 23.29 -6.15
C ASP A 50 -0.83 23.44 -7.26
N ALA A 51 -0.85 22.51 -8.21
CA ALA A 51 0.11 22.50 -9.32
C ALA A 51 0.05 23.76 -10.17
N GLU A 52 -1.15 24.30 -10.35
CA GLU A 52 -1.37 25.49 -11.18
C GLU A 52 -0.70 26.71 -10.57
N MET A 53 -0.69 26.74 -9.23
CA MET A 53 -0.06 27.81 -8.46
C MET A 53 1.46 27.78 -8.61
N ILE A 54 2.01 26.59 -8.82
CA ILE A 54 3.45 26.42 -9.04
C ILE A 54 3.81 26.94 -10.41
N VAL A 55 2.99 26.59 -11.40
CA VAL A 55 3.18 27.04 -12.79
C VAL A 55 3.22 28.58 -12.86
N LYS A 56 2.42 29.22 -12.01
CA LYS A 56 2.29 30.67 -12.01
C LYS A 56 3.51 31.37 -11.41
N ALA A 57 4.00 30.86 -10.27
CA ALA A 57 5.20 31.41 -9.65
C ALA A 57 6.38 31.40 -10.63
N VAL A 58 6.54 30.29 -11.35
CA VAL A 58 7.58 30.15 -12.36
C VAL A 58 7.33 31.13 -13.51
N ALA A 59 6.08 31.22 -13.95
CA ALA A 59 5.67 32.18 -14.99
C ALA A 59 5.94 33.63 -14.56
N ARG A 60 5.83 33.90 -13.26
CA ARG A 60 6.12 35.22 -12.69
C ARG A 60 7.62 35.55 -12.76
N VAL A 61 8.46 34.67 -12.21
CA VAL A 61 9.91 34.85 -12.20
C VAL A 61 10.44 35.05 -13.63
N ALA A 62 9.89 34.27 -14.57
CA ALA A 62 10.22 34.41 -15.99
C ALA A 62 9.81 35.76 -16.57
N GLU A 63 8.72 36.33 -16.04
CA GLU A 63 8.14 37.58 -16.54
C GLU A 63 9.02 38.78 -16.16
N SER A 64 9.26 38.95 -14.87
CA SER A 64 10.19 39.96 -14.38
C SER A 64 11.61 39.46 -14.60
N GLY A 65 11.97 39.29 -15.87
CA GLY A 65 13.23 38.65 -16.26
C GLY A 65 14.39 39.63 -16.42
N GLY A 66 15.44 39.45 -15.63
CA GLY A 66 15.52 38.37 -14.66
C GLY A 66 15.70 38.84 -13.23
N GLY A 67 15.50 37.92 -12.29
CA GLY A 67 15.79 38.17 -10.88
C GLY A 67 16.76 37.12 -10.36
N ARG A 68 16.55 36.68 -9.12
CA ARG A 68 17.41 35.67 -8.52
C ARG A 68 16.83 34.26 -8.70
N GLY A 69 15.85 34.14 -9.59
CA GLY A 69 15.30 32.86 -10.03
C GLY A 69 14.60 32.02 -8.99
N ALA A 70 14.43 30.73 -9.29
CA ALA A 70 13.76 29.77 -8.40
C ALA A 70 14.40 28.37 -8.43
N ILE A 71 14.12 27.58 -7.40
CA ILE A 71 14.57 26.18 -7.31
C ILE A 71 13.59 25.35 -6.50
N ALA A 72 13.37 24.10 -6.93
CA ALA A 72 12.57 23.15 -6.18
C ALA A 72 13.30 22.69 -4.92
N ARG A 73 12.53 22.27 -3.93
CA ARG A 73 13.07 21.68 -2.73
C ARG A 73 12.22 20.46 -2.42
N GLY A 74 12.89 19.35 -2.11
CA GLY A 74 12.21 18.15 -1.70
C GLY A 74 12.14 18.09 -0.19
N LEU A 75 12.67 17.01 0.39
CA LEU A 75 12.65 16.82 1.83
C LEU A 75 13.88 17.38 2.56
N GLY A 76 14.77 18.04 1.80
CA GLY A 76 15.95 18.67 2.37
C GLY A 76 17.07 17.76 2.81
N ARG A 77 17.08 16.52 2.33
CA ARG A 77 18.08 15.54 2.75
C ARG A 77 19.46 15.69 2.12
N SER A 78 19.60 16.53 1.09
CA SER A 78 20.94 16.85 0.61
C SER A 78 21.63 17.65 1.70
N TYR A 79 22.91 17.38 1.93
CA TYR A 79 23.67 18.05 2.98
C TYR A 79 24.06 19.47 2.59
N GLY A 80 24.18 19.72 1.29
CA GLY A 80 24.71 21.00 0.83
C GLY A 80 23.66 22.03 0.46
N ASP A 81 24.01 22.87 -0.51
CA ASP A 81 23.23 24.04 -0.83
C ASP A 81 22.42 23.94 -2.15
N ASN A 82 22.14 22.73 -2.62
CA ASN A 82 21.45 22.57 -3.91
C ASN A 82 19.95 22.86 -3.93
N ALA A 83 19.32 22.77 -2.76
CA ALA A 83 17.88 23.00 -2.62
C ALA A 83 17.57 24.29 -1.87
N GLN A 84 18.40 25.30 -2.09
CA GLN A 84 18.12 26.64 -1.55
C GLN A 84 18.54 27.71 -2.56
N ASN A 85 17.99 28.91 -2.39
CA ASN A 85 18.21 30.01 -3.32
C ASN A 85 18.12 31.37 -2.60
N GLY A 86 19.22 31.76 -1.97
CA GLY A 86 19.28 32.99 -1.19
C GLY A 86 18.82 34.21 -1.95
N GLY A 87 17.80 34.89 -1.40
CA GLY A 87 17.21 36.07 -2.03
C GLY A 87 16.40 35.75 -3.26
N GLY A 88 15.92 34.51 -3.35
CA GLY A 88 15.12 34.06 -4.48
C GLY A 88 13.94 33.23 -4.03
N LEU A 89 13.32 32.53 -4.97
CA LEU A 89 12.19 31.67 -4.66
C LEU A 89 12.64 30.22 -4.49
N VAL A 90 12.02 29.56 -3.51
CA VAL A 90 12.19 28.13 -3.30
C VAL A 90 10.81 27.48 -3.23
N ILE A 91 10.57 26.54 -4.13
CA ILE A 91 9.29 25.84 -4.18
C ILE A 91 9.39 24.49 -3.47
N ASP A 92 8.78 24.42 -2.30
CA ASP A 92 8.65 23.17 -1.54
C ASP A 92 7.73 22.24 -2.30
N MET A 93 8.24 21.08 -2.70
CA MET A 93 7.47 20.16 -3.56
C MET A 93 6.71 19.08 -2.78
N THR A 94 6.98 18.97 -1.48
CA THR A 94 6.41 17.92 -0.63
C THR A 94 4.88 17.86 -0.53
N PRO A 95 4.17 18.99 -0.79
CA PRO A 95 2.71 18.89 -0.83
C PRO A 95 2.14 18.16 -2.06
N LEU A 96 2.83 18.22 -3.19
CA LEU A 96 2.44 17.44 -4.37
C LEU A 96 2.86 15.99 -4.18
N ASN A 97 2.05 15.22 -3.48
CA ASN A 97 2.44 13.90 -3.03
C ASN A 97 1.40 12.81 -3.31
N THR A 98 0.63 12.99 -4.38
CA THR A 98 -0.32 11.98 -4.85
C THR A 98 0.38 10.83 -5.58
N ILE A 99 0.03 9.62 -5.18
CA ILE A 99 0.29 8.45 -5.99
C ILE A 99 -0.93 8.29 -6.89
N HIS A 100 -0.74 8.47 -8.20
CA HIS A 100 -1.86 8.43 -9.14
C HIS A 100 -2.24 7.02 -9.50
N SER A 101 -1.24 6.18 -9.78
CA SER A 101 -1.51 4.77 -10.00
C SER A 101 -0.29 3.88 -9.79
N ILE A 102 -0.57 2.63 -9.48
CA ILE A 102 0.43 1.58 -9.45
C ILE A 102 -0.15 0.43 -10.27
N ASP A 103 0.66 -0.16 -11.13
CA ASP A 103 0.18 -1.27 -11.95
C ASP A 103 1.16 -2.43 -11.81
N ALA A 104 0.69 -3.58 -11.32
CA ALA A 104 1.55 -4.76 -11.14
C ALA A 104 1.89 -5.47 -12.45
N ASP A 105 1.03 -5.31 -13.45
CA ASP A 105 1.24 -5.95 -14.75
C ASP A 105 2.33 -5.26 -15.55
N THR A 106 2.28 -3.93 -15.61
CA THR A 106 3.30 -3.12 -16.27
C THR A 106 4.47 -2.77 -15.33
N LYS A 107 4.29 -3.00 -14.03
CA LYS A 107 5.29 -2.64 -13.01
C LYS A 107 5.57 -1.13 -12.93
N LEU A 108 4.64 -0.34 -13.45
CA LEU A 108 4.80 1.12 -13.51
C LEU A 108 4.08 1.82 -12.37
N VAL A 109 4.71 2.84 -11.80
CA VAL A 109 4.01 3.73 -10.89
C VAL A 109 3.98 5.15 -11.46
N ASP A 110 2.86 5.83 -11.27
CA ASP A 110 2.68 7.21 -11.72
C ASP A 110 2.44 8.09 -10.50
N ILE A 111 3.44 8.90 -10.15
CA ILE A 111 3.41 9.63 -8.88
C ILE A 111 3.91 11.06 -9.04
N ASP A 112 3.36 11.96 -8.24
CA ASP A 112 3.85 13.32 -8.13
C ASP A 112 5.28 13.33 -7.60
N ALA A 113 6.05 14.34 -7.99
CA ALA A 113 7.45 14.46 -7.62
C ALA A 113 7.68 14.60 -6.11
N GLY A 114 6.64 15.02 -5.39
CA GLY A 114 6.74 15.20 -3.95
C GLY A 114 6.51 13.94 -3.13
N VAL A 115 6.06 12.87 -3.78
CA VAL A 115 5.98 11.55 -3.13
C VAL A 115 7.37 11.14 -2.63
N ASN A 116 7.43 10.52 -1.46
CA ASN A 116 8.71 10.08 -0.93
C ASN A 116 8.84 8.56 -1.01
N LEU A 117 10.08 8.08 -0.94
CA LEU A 117 10.39 6.67 -1.20
C LEU A 117 9.84 5.73 -0.13
N ASP A 118 9.67 6.23 1.09
CA ASP A 118 9.05 5.45 2.16
C ASP A 118 7.56 5.24 1.87
N GLN A 119 6.85 6.34 1.57
CA GLN A 119 5.46 6.33 1.14
C GLN A 119 5.28 5.39 -0.07
N LEU A 120 6.12 5.58 -1.09
CA LEU A 120 6.10 4.74 -2.29
C LEU A 120 6.34 3.26 -1.99
N MET A 121 7.38 2.95 -1.22
CA MET A 121 7.65 1.58 -0.78
C MET A 121 6.45 0.92 -0.15
N LYS A 122 5.78 1.64 0.76
CA LYS A 122 4.59 1.16 1.46
C LYS A 122 3.43 0.91 0.50
N ALA A 123 3.17 1.87 -0.37
CA ALA A 123 2.05 1.78 -1.29
C ALA A 123 2.25 0.63 -2.29
N ALA A 124 3.50 0.38 -2.68
CA ALA A 124 3.79 -0.58 -3.76
C ALA A 124 3.94 -2.04 -3.33
N LEU A 125 4.34 -2.27 -2.08
CA LEU A 125 4.56 -3.65 -1.61
C LEU A 125 3.38 -4.60 -1.88
N PRO A 126 2.14 -4.19 -1.53
CA PRO A 126 1.01 -5.10 -1.78
C PRO A 126 0.86 -5.56 -3.24
N PHE A 127 1.52 -4.88 -4.17
CA PHE A 127 1.47 -5.26 -5.58
C PHE A 127 2.60 -6.20 -5.96
N GLY A 128 3.45 -6.54 -4.99
CA GLY A 128 4.68 -7.26 -5.28
C GLY A 128 5.65 -6.41 -6.10
N LEU A 129 5.75 -5.13 -5.74
CA LEU A 129 6.67 -4.21 -6.42
C LEU A 129 7.64 -3.54 -5.44
N TRP A 130 8.87 -3.38 -5.90
CA TRP A 130 9.97 -2.88 -5.08
C TRP A 130 10.58 -1.65 -5.70
N VAL A 131 10.83 -0.65 -4.85
CA VAL A 131 11.50 0.60 -5.27
C VAL A 131 12.88 0.22 -5.81
N PRO A 132 13.12 0.51 -7.09
CA PRO A 132 14.29 -0.07 -7.78
C PRO A 132 15.65 0.43 -7.27
N VAL A 133 15.67 1.65 -6.73
CA VAL A 133 16.86 2.21 -6.11
C VAL A 133 16.50 2.88 -4.77
N LEU A 134 17.08 2.37 -3.68
CA LEU A 134 16.87 2.93 -2.35
C LEU A 134 18.16 3.49 -1.75
N PRO A 135 18.14 4.77 -1.35
CA PRO A 135 19.26 5.37 -0.66
C PRO A 135 19.23 4.99 0.82
N GLY A 136 20.22 5.42 1.58
CA GLY A 136 20.34 5.09 3.01
C GLY A 136 19.29 5.66 3.97
N THR A 137 18.41 6.53 3.48
CA THR A 137 17.20 6.94 4.20
C THR A 137 16.05 6.97 3.21
N ARG A 138 14.87 6.59 3.66
CA ARG A 138 13.72 6.61 2.76
C ARG A 138 13.03 7.97 2.73
N GLN A 139 13.50 8.92 3.54
CA GLN A 139 12.94 10.27 3.51
C GLN A 139 13.56 11.14 2.41
N VAL A 140 13.34 10.75 1.15
CA VAL A 140 13.73 11.56 0.00
C VAL A 140 12.58 11.57 -1.00
N THR A 141 12.41 12.68 -1.70
CA THR A 141 11.33 12.77 -2.67
C THR A 141 11.75 12.12 -3.98
N VAL A 142 10.76 11.74 -4.79
CA VAL A 142 10.99 11.31 -6.16
C VAL A 142 11.72 12.40 -6.93
N GLY A 143 11.31 13.66 -6.75
CA GLY A 143 12.02 14.79 -7.38
C GLY A 143 13.49 14.87 -6.98
N GLY A 144 13.78 14.64 -5.71
CA GLY A 144 15.16 14.66 -5.19
C GLY A 144 15.97 13.48 -5.69
N ALA A 145 15.31 12.32 -5.78
CA ALA A 145 15.89 11.07 -6.25
C ALA A 145 16.37 11.22 -7.69
N ILE A 146 15.55 11.84 -8.53
CA ILE A 146 15.88 12.07 -9.94
C ILE A 146 16.95 13.16 -10.10
N ALA A 147 16.72 14.30 -9.44
CA ALA A 147 17.60 15.47 -9.61
C ALA A 147 19.01 15.21 -9.11
N CYS A 148 19.16 14.28 -8.16
CA CYS A 148 20.49 13.87 -7.70
C CYS A 148 20.94 12.52 -8.27
N ASP A 149 20.08 11.92 -9.11
CA ASP A 149 20.31 10.60 -9.72
C ASP A 149 20.85 9.61 -8.68
N ILE A 150 20.10 9.43 -7.60
CA ILE A 150 20.61 8.75 -6.41
C ILE A 150 20.94 7.29 -6.65
N HIS A 151 21.83 6.78 -5.82
CA HIS A 151 22.24 5.39 -5.88
C HIS A 151 22.02 4.69 -4.56
N GLY A 152 22.11 3.38 -4.58
CA GLY A 152 22.00 2.64 -3.35
C GLY A 152 22.89 1.43 -3.34
N LYS A 153 22.57 0.54 -2.42
CA LYS A 153 23.29 -0.68 -2.16
C LYS A 153 23.32 -1.61 -3.39
N ASN A 154 22.40 -1.42 -4.31
CA ASN A 154 22.33 -2.25 -5.52
C ASN A 154 22.85 -1.58 -6.79
N HIS A 155 23.70 -0.55 -6.67
CA HIS A 155 24.10 0.21 -7.87
C HIS A 155 24.76 -0.66 -8.91
N HIS A 156 25.62 -1.56 -8.47
CA HIS A 156 26.38 -2.40 -9.38
C HIS A 156 25.51 -3.34 -10.16
N SER A 157 24.28 -3.54 -9.72
CA SER A 157 23.37 -4.46 -10.40
C SER A 157 22.17 -3.74 -11.00
N ALA A 158 21.84 -2.56 -10.49
CA ALA A 158 20.63 -1.85 -10.92
C ALA A 158 20.87 -0.43 -11.45
N GLY A 159 22.12 0.03 -11.37
CA GLY A 159 22.44 1.43 -11.69
C GLY A 159 21.81 2.38 -10.68
N SER A 160 21.63 3.64 -11.09
CA SER A 160 21.08 4.66 -10.21
C SER A 160 19.60 4.94 -10.52
N PHE A 161 19.00 5.88 -9.80
CA PHE A 161 17.55 6.13 -9.90
C PHE A 161 17.12 6.50 -11.31
N GLY A 162 17.92 7.33 -11.97
CA GLY A 162 17.63 7.76 -13.32
C GLY A 162 17.39 6.63 -14.30
N ASN A 163 18.06 5.48 -14.10
CA ASN A 163 17.94 4.33 -15.01
C ASN A 163 16.54 3.76 -15.04
N HIS A 164 15.75 4.10 -14.02
CA HIS A 164 14.44 3.49 -13.84
C HIS A 164 13.27 4.39 -14.12
N VAL A 165 13.54 5.64 -14.46
CA VAL A 165 12.49 6.58 -14.82
C VAL A 165 12.10 6.34 -16.30
N ARG A 166 10.83 6.03 -16.54
CA ARG A 166 10.35 5.84 -17.93
C ARG A 166 9.74 7.12 -18.52
N SER A 167 9.38 8.06 -17.67
CA SER A 167 8.95 9.37 -18.13
C SER A 167 8.86 10.30 -16.94
N MET A 168 8.94 11.59 -17.21
CA MET A 168 8.72 12.62 -16.20
C MET A 168 8.23 13.91 -16.87
N ASP A 169 7.41 14.67 -16.15
CA ASP A 169 6.87 15.94 -16.63
C ASP A 169 7.62 17.10 -16.00
N LEU A 170 8.29 17.87 -16.86
CA LEU A 170 9.16 18.93 -16.44
C LEU A 170 8.58 20.30 -16.77
N LEU A 171 8.35 21.10 -15.73
CA LEU A 171 7.96 22.49 -15.89
C LEU A 171 9.21 23.33 -16.23
N THR A 172 9.30 23.80 -17.47
CA THR A 172 10.47 24.57 -17.90
C THR A 172 10.32 26.08 -17.68
N ALA A 173 11.37 26.84 -18.02
CA ALA A 173 11.42 28.29 -17.83
C ALA A 173 10.34 29.05 -18.62
N ASP A 174 10.07 28.61 -19.84
CA ASP A 174 9.02 29.17 -20.69
C ASP A 174 7.59 28.94 -20.17
N GLY A 175 7.48 28.30 -18.99
CA GLY A 175 6.18 28.04 -18.37
C GLY A 175 5.43 26.83 -18.89
N GLU A 176 6.02 26.12 -19.86
CA GLU A 176 5.43 24.90 -20.42
C GLU A 176 5.76 23.67 -19.58
N ILE A 177 4.91 22.64 -19.68
CA ILE A 177 5.17 21.34 -19.08
C ILE A 177 5.57 20.35 -20.17
N ARG A 178 6.83 19.94 -20.16
CA ARG A 178 7.36 19.04 -21.18
C ARG A 178 7.43 17.59 -20.69
N HIS A 179 6.88 16.69 -21.51
CA HIS A 179 6.82 15.28 -21.19
C HIS A 179 8.07 14.62 -21.71
N LEU A 180 8.96 14.22 -20.80
CA LEU A 180 10.28 13.71 -21.20
C LEU A 180 10.35 12.21 -21.03
N THR A 181 11.04 11.55 -21.97
CA THR A 181 11.31 10.12 -21.89
C THR A 181 12.80 9.87 -22.19
N PRO A 182 13.37 8.77 -21.66
CA PRO A 182 14.82 8.52 -21.82
C PRO A 182 15.30 8.28 -23.25
N THR A 183 14.42 7.82 -24.15
CA THR A 183 14.81 7.56 -25.55
C THR A 183 14.01 8.33 -26.60
N GLY A 184 13.09 9.19 -26.17
CA GLY A 184 12.29 9.99 -27.08
C GLY A 184 13.01 11.17 -27.72
N GLU A 185 12.23 12.15 -28.17
CA GLU A 185 12.74 13.30 -28.88
C GLU A 185 13.36 14.32 -27.92
N ASP A 186 12.96 14.25 -26.66
CA ASP A 186 13.50 15.11 -25.61
C ASP A 186 14.49 14.37 -24.71
N ALA A 187 15.12 13.32 -25.26
CA ALA A 187 16.06 12.48 -24.52
C ALA A 187 17.20 13.27 -23.88
N GLU A 188 17.67 14.27 -24.62
CA GLU A 188 18.80 15.10 -24.19
C GLU A 188 18.44 15.88 -22.93
N LEU A 189 17.25 16.47 -22.93
CA LEU A 189 16.77 17.21 -21.77
C LEU A 189 16.40 16.26 -20.64
N PHE A 190 15.89 15.09 -20.99
CA PHE A 190 15.61 14.05 -19.99
C PHE A 190 16.89 13.79 -19.20
N TRP A 191 17.98 13.53 -19.93
CA TRP A 191 19.24 13.12 -19.33
C TRP A 191 20.02 14.24 -18.72
N ALA A 192 19.62 15.48 -19.01
CA ALA A 192 20.17 16.64 -18.34
C ALA A 192 19.47 16.89 -17.01
N THR A 193 18.21 16.48 -16.93
CA THR A 193 17.40 16.65 -15.72
C THR A 193 17.81 15.61 -14.68
N VAL A 194 18.00 14.38 -15.11
CA VAL A 194 18.62 13.35 -14.27
C VAL A 194 19.96 13.89 -13.81
N GLY A 195 20.15 13.99 -12.49
CA GLY A 195 21.37 14.53 -11.91
C GLY A 195 21.52 16.05 -12.05
N GLY A 196 20.48 16.72 -12.55
CA GLY A 196 20.53 18.16 -12.86
C GLY A 196 20.34 19.12 -11.69
N ASN A 197 20.16 18.57 -10.48
CA ASN A 197 19.97 19.38 -9.27
C ASN A 197 18.92 20.48 -9.42
N GLY A 198 17.82 20.15 -10.11
CA GLY A 198 16.70 21.07 -10.31
C GLY A 198 16.92 22.24 -11.26
N LEU A 199 18.04 22.25 -11.98
CA LEU A 199 18.42 23.39 -12.80
C LEU A 199 17.96 23.33 -14.27
N THR A 200 17.05 22.42 -14.56
CA THR A 200 16.41 22.38 -15.87
C THR A 200 14.92 22.72 -15.74
N GLY A 201 14.48 22.89 -14.50
CA GLY A 201 13.07 23.10 -14.22
C GLY A 201 12.55 22.21 -13.09
N ILE A 202 11.24 22.22 -12.90
CA ILE A 202 10.62 21.54 -11.79
C ILE A 202 9.99 20.25 -12.27
N ILE A 203 10.48 19.12 -11.75
CA ILE A 203 9.85 17.83 -12.01
C ILE A 203 8.53 17.82 -11.28
N MET A 204 7.45 17.72 -12.02
CA MET A 204 6.10 17.78 -11.46
C MET A 204 5.63 16.37 -11.13
N ARG A 205 6.00 15.43 -11.99
CA ARG A 205 5.35 14.13 -12.04
C ARG A 205 6.25 13.19 -12.81
N ALA A 206 6.23 11.91 -12.44
CA ALA A 206 7.06 10.92 -13.13
C ALA A 206 6.43 9.53 -13.15
N THR A 207 6.88 8.71 -14.09
CA THR A 207 6.56 7.29 -14.15
C THR A 207 7.83 6.49 -13.90
N ILE A 208 7.81 5.62 -12.91
CA ILE A 208 8.96 4.79 -12.56
C ILE A 208 8.62 3.33 -12.84
N GLU A 209 9.57 2.60 -13.42
CA GLU A 209 9.46 1.15 -13.52
C GLU A 209 10.00 0.52 -12.27
N MET A 210 9.14 -0.23 -11.59
CA MET A 210 9.50 -0.87 -10.35
C MET A 210 10.15 -2.23 -10.61
N THR A 211 10.82 -2.76 -9.60
CA THR A 211 11.38 -4.08 -9.63
C THR A 211 10.35 -5.06 -9.04
N PRO A 212 10.03 -6.15 -9.79
CA PRO A 212 9.12 -7.13 -9.19
C PRO A 212 9.78 -7.83 -8.00
N THR A 213 8.99 -8.24 -7.03
CA THR A 213 9.45 -9.02 -5.87
C THR A 213 8.30 -9.86 -5.30
N SER A 214 8.63 -11.03 -4.74
CA SER A 214 7.59 -11.81 -4.07
C SER A 214 7.58 -11.61 -2.55
N THR A 215 8.62 -10.96 -2.01
CA THR A 215 8.71 -10.73 -0.55
C THR A 215 9.30 -9.37 -0.19
N ALA A 216 9.07 -8.93 1.04
CA ALA A 216 9.73 -7.73 1.57
C ALA A 216 11.04 -8.06 2.30
N TYR A 217 11.63 -9.22 2.00
CA TYR A 217 12.81 -9.67 2.73
C TYR A 217 14.06 -9.88 1.89
N PHE A 218 15.21 -9.90 2.57
CA PHE A 218 16.50 -10.19 1.96
C PHE A 218 17.10 -11.47 2.51
N ILE A 219 17.80 -12.20 1.65
CA ILE A 219 18.71 -13.27 2.03
C ILE A 219 20.12 -12.70 1.98
N ALA A 220 20.78 -12.65 3.14
CA ALA A 220 22.05 -11.93 3.27
C ALA A 220 23.23 -12.79 3.70
N ASP A 221 24.42 -12.46 3.17
CA ASP A 221 25.69 -13.06 3.56
C ASP A 221 26.56 -11.97 4.12
N GLY A 222 27.16 -12.22 5.28
CA GLY A 222 28.00 -11.25 5.94
C GLY A 222 29.45 -11.70 6.01
N ASP A 223 30.37 -10.76 5.78
CA ASP A 223 31.80 -11.04 5.89
C ASP A 223 32.52 -9.90 6.60
N VAL A 224 33.58 -10.26 7.31
CA VAL A 224 34.39 -9.30 8.02
C VAL A 224 35.83 -9.48 7.56
N THR A 225 36.44 -8.38 7.11
CA THR A 225 37.83 -8.39 6.66
C THR A 225 38.72 -7.82 7.75
N ALA A 226 40.02 -8.12 7.65
CA ALA A 226 40.99 -7.71 8.67
C ALA A 226 41.72 -6.40 8.31
N SER A 227 41.68 -6.03 7.03
CA SER A 227 42.47 -4.92 6.52
C SER A 227 41.87 -4.32 5.25
N LEU A 228 42.42 -3.18 4.82
CA LEU A 228 42.08 -2.58 3.53
C LEU A 228 42.31 -3.53 2.37
N ASP A 229 43.46 -4.19 2.34
CA ASP A 229 43.81 -5.15 1.27
C ASP A 229 42.81 -6.28 1.13
N GLU A 230 42.30 -6.77 2.25
CA GLU A 230 41.29 -7.84 2.23
C GLU A 230 39.97 -7.34 1.66
N THR A 231 39.58 -6.14 2.08
CA THR A 231 38.35 -5.50 1.65
C THR A 231 38.31 -5.37 0.13
N ILE A 232 39.39 -4.82 -0.43
CA ILE A 232 39.54 -4.70 -1.87
C ILE A 232 39.49 -6.06 -2.58
N ALA A 233 40.28 -7.01 -2.07
CA ALA A 233 40.32 -8.39 -2.59
C ALA A 233 38.94 -9.04 -2.64
N LEU A 234 38.16 -8.88 -1.57
CA LEU A 234 36.81 -9.45 -1.51
C LEU A 234 35.88 -8.83 -2.57
N HIS A 235 36.10 -7.55 -2.87
CA HIS A 235 35.31 -6.85 -3.88
C HIS A 235 35.81 -7.08 -5.29
N SER A 236 36.98 -7.70 -5.42
CA SER A 236 37.57 -7.93 -6.74
C SER A 236 37.67 -9.39 -7.14
N ASP A 237 37.32 -10.30 -6.23
CA ASP A 237 37.46 -11.73 -6.48
C ASP A 237 36.33 -12.36 -7.29
N GLY A 238 35.43 -11.52 -7.81
CA GLY A 238 34.32 -11.98 -8.64
C GLY A 238 33.04 -12.22 -7.85
N SER A 239 33.13 -12.21 -6.51
CA SER A 239 31.97 -12.53 -5.67
C SER A 239 30.80 -11.54 -5.78
N GLU A 240 31.08 -10.30 -6.20
CA GLU A 240 30.06 -9.25 -6.29
C GLU A 240 28.93 -9.59 -7.25
N ALA A 241 29.24 -10.34 -8.30
CA ALA A 241 28.28 -10.66 -9.34
C ALA A 241 27.21 -11.66 -8.88
N ARG A 242 27.44 -12.27 -7.71
CA ARG A 242 26.47 -13.18 -7.06
C ARG A 242 25.46 -12.44 -6.17
N TYR A 243 25.65 -11.14 -5.94
CA TYR A 243 24.74 -10.39 -5.07
C TYR A 243 24.21 -9.16 -5.77
N THR A 244 22.90 -8.94 -5.68
CA THR A 244 22.30 -7.74 -6.25
C THR A 244 22.56 -6.50 -5.39
N TYR A 245 22.71 -6.73 -4.09
CA TYR A 245 22.89 -5.66 -3.11
C TYR A 245 24.20 -5.90 -2.37
N SER A 246 24.97 -4.84 -2.13
CA SER A 246 26.28 -4.95 -1.50
C SER A 246 26.81 -3.60 -1.00
N SER A 247 27.17 -3.54 0.29
CA SER A 247 27.82 -2.36 0.87
C SER A 247 28.61 -2.77 2.11
N ALA A 248 29.48 -1.88 2.57
CA ALA A 248 30.32 -2.19 3.73
C ALA A 248 30.58 -0.98 4.62
N TRP A 249 30.71 -1.22 5.92
CA TRP A 249 31.30 -0.23 6.81
C TRP A 249 32.76 -0.53 6.88
N PHE A 250 33.60 0.50 6.85
CA PHE A 250 35.04 0.26 6.97
C PHE A 250 35.68 1.13 8.05
N ASP A 251 36.86 0.72 8.50
CA ASP A 251 37.61 1.44 9.54
C ASP A 251 38.49 2.50 8.89
N ALA A 252 38.28 3.76 9.26
CA ALA A 252 39.02 4.89 8.68
C ALA A 252 39.97 5.56 9.70
N ILE A 253 39.97 5.04 10.92
CA ILE A 253 40.72 5.63 12.04
C ILE A 253 41.97 4.83 12.42
N SER A 254 41.86 3.50 12.50
CA SER A 254 42.99 2.67 12.92
C SER A 254 44.11 2.73 11.89
N ALA A 255 45.34 2.75 12.38
CA ALA A 255 46.53 2.72 11.53
C ALA A 255 46.59 1.37 10.80
N PRO A 256 47.30 1.29 9.67
CA PRO A 256 47.48 -0.03 9.04
C PRO A 256 48.15 -1.00 10.04
N PRO A 257 47.87 -2.31 9.94
CA PRO A 257 47.06 -3.00 8.91
C PRO A 257 45.55 -2.93 9.13
N LYS A 258 45.11 -2.50 10.31
CA LYS A 258 43.70 -2.44 10.63
C LYS A 258 42.89 -1.47 9.76
N LEU A 259 43.53 -0.37 9.34
CA LEU A 259 42.91 0.56 8.39
C LEU A 259 42.22 -0.16 7.23
N GLY A 260 40.96 0.19 7.01
CA GLY A 260 40.22 -0.33 5.85
C GLY A 260 39.65 -1.72 6.04
N ARG A 261 39.69 -2.24 7.27
CA ARG A 261 39.00 -3.47 7.60
C ARG A 261 37.51 -3.17 7.57
N ALA A 262 36.69 -4.16 7.21
CA ALA A 262 35.30 -3.88 6.91
C ALA A 262 34.34 -4.95 7.39
N ALA A 263 33.14 -4.51 7.76
CA ALA A 263 31.98 -5.38 7.89
C ALA A 263 31.20 -5.26 6.58
N VAL A 264 31.18 -6.33 5.80
CA VAL A 264 30.50 -6.35 4.49
C VAL A 264 29.14 -7.05 4.60
N SER A 265 28.12 -6.45 4.00
CA SER A 265 26.77 -7.00 4.00
C SER A 265 26.28 -7.13 2.55
N ARG A 266 26.05 -8.36 2.09
CA ARG A 266 25.66 -8.59 0.70
C ARG A 266 24.44 -9.51 0.63
N GLY A 267 23.59 -9.31 -0.37
CA GLY A 267 22.39 -10.12 -0.47
C GLY A 267 21.57 -9.90 -1.72
N ARG A 268 20.38 -10.49 -1.71
CA ARG A 268 19.39 -10.34 -2.76
C ARG A 268 18.01 -10.42 -2.12
N LEU A 269 16.97 -9.99 -2.84
CA LEU A 269 15.61 -10.12 -2.34
C LEU A 269 15.27 -11.60 -2.23
N ALA A 270 14.65 -11.97 -1.11
CA ALA A 270 14.23 -13.34 -0.86
C ALA A 270 12.99 -13.66 -1.69
N THR A 271 12.82 -14.93 -2.02
CA THR A 271 11.57 -15.43 -2.61
C THR A 271 10.76 -16.06 -1.46
N VAL A 272 9.46 -16.29 -1.71
CA VAL A 272 8.55 -16.77 -0.67
C VAL A 272 9.02 -18.08 -0.01
N GLU A 273 9.40 -19.06 -0.82
CA GLU A 273 9.79 -20.38 -0.30
C GLU A 273 11.08 -20.33 0.54
N GLN A 274 11.91 -19.30 0.32
CA GLN A 274 13.12 -19.08 1.11
C GLN A 274 12.84 -18.56 2.52
N LEU A 275 11.63 -18.04 2.73
CA LEU A 275 11.23 -17.58 4.06
C LEU A 275 10.96 -18.75 5.02
N PRO A 276 11.22 -18.54 6.32
CA PRO A 276 10.75 -19.50 7.31
C PRO A 276 9.22 -19.51 7.37
N ALA A 277 8.63 -20.67 7.68
CA ALA A 277 7.18 -20.86 7.71
C ALA A 277 6.40 -19.74 8.43
N LYS A 278 7.00 -19.25 9.52
CA LYS A 278 6.48 -18.15 10.33
C LYS A 278 6.15 -16.89 9.52
N LEU A 279 6.94 -16.65 8.47
CA LEU A 279 6.85 -15.42 7.68
C LEU A 279 6.20 -15.58 6.30
N ARG A 280 5.96 -16.84 5.90
CA ARG A 280 5.32 -17.13 4.61
C ARG A 280 3.86 -16.69 4.49
N SER A 281 3.21 -16.48 5.63
CA SER A 281 1.80 -16.07 5.66
C SER A 281 1.62 -14.67 5.11
N GLU A 282 2.54 -13.77 5.45
CA GLU A 282 2.53 -12.39 4.97
C GLU A 282 3.89 -12.03 4.35
N PRO A 283 4.18 -12.55 3.14
CA PRO A 283 5.54 -12.41 2.59
C PRO A 283 5.94 -10.97 2.21
N LEU A 284 4.93 -10.12 1.96
CA LEU A 284 5.16 -8.75 1.51
C LEU A 284 4.96 -7.69 2.60
N LYS A 285 4.79 -8.14 3.85
CA LYS A 285 4.58 -7.24 4.99
C LYS A 285 5.85 -6.49 5.38
N PHE A 286 5.69 -5.24 5.81
CA PHE A 286 6.79 -4.49 6.40
C PHE A 286 6.62 -4.34 7.92
N ASP A 287 7.71 -4.56 8.66
CA ASP A 287 7.71 -4.51 10.12
C ASP A 287 7.82 -3.09 10.67
N ALA A 288 7.12 -2.82 11.77
CA ALA A 288 7.10 -1.50 12.40
C ALA A 288 8.41 -1.14 13.11
N PRO A 289 8.88 0.12 12.96
CA PRO A 289 10.05 0.62 13.70
C PRO A 289 9.78 0.62 15.20
N GLN A 290 10.51 -0.23 15.93
CA GLN A 290 10.23 -0.54 17.33
C GLN A 290 10.49 0.62 18.31
N LEU A 291 9.79 0.58 19.44
CA LEU A 291 9.90 1.58 20.50
C LEU A 291 11.29 1.55 21.14
N LEU A 292 11.68 0.37 21.63
CA LEU A 292 12.96 0.20 22.32
C LEU A 292 14.09 -0.09 21.32
N THR A 293 15.06 0.82 21.29
CA THR A 293 16.30 0.65 20.52
C THR A 293 17.46 0.29 21.47
N LEU A 294 18.64 0.00 20.93
CA LEU A 294 19.78 -0.44 21.76
C LEU A 294 20.31 0.59 22.79
N PRO A 295 20.26 1.91 22.47
CA PRO A 295 20.54 2.93 23.49
C PRO A 295 19.57 2.92 24.67
N ASP A 296 18.35 2.45 24.45
CA ASP A 296 17.33 2.35 25.50
C ASP A 296 17.58 1.15 26.42
N VAL A 297 18.10 0.06 25.84
CA VAL A 297 18.40 -1.16 26.59
C VAL A 297 19.77 -1.06 27.29
N PHE A 298 20.78 -0.58 26.57
CA PHE A 298 22.12 -0.41 27.13
C PHE A 298 22.55 1.06 27.06
N PRO A 299 22.24 1.84 28.12
CA PRO A 299 22.49 3.29 28.14
C PRO A 299 23.96 3.67 28.29
N ASN A 300 24.75 2.82 28.95
CA ASN A 300 26.16 3.10 29.24
C ASN A 300 27.15 2.61 28.17
N GLY A 301 26.71 2.58 26.91
CA GLY A 301 27.53 2.09 25.80
C GLY A 301 27.51 0.58 25.67
N LEU A 302 28.23 0.07 24.67
CA LEU A 302 28.32 -1.38 24.44
C LEU A 302 29.69 -1.94 24.78
N ALA A 303 30.59 -1.07 25.27
CA ALA A 303 31.96 -1.45 25.56
C ALA A 303 32.09 -2.20 26.89
N ASN A 304 32.79 -3.33 26.85
CA ASN A 304 33.22 -4.03 28.07
C ASN A 304 34.75 -4.19 28.08
N LYS A 305 35.28 -4.93 29.04
CA LYS A 305 36.74 -5.13 29.13
C LYS A 305 37.31 -5.95 27.95
N TYR A 306 36.43 -6.58 27.16
CA TYR A 306 36.83 -7.45 26.04
C TYR A 306 36.86 -6.77 24.69
N THR A 307 36.09 -5.69 24.55
CA THR A 307 35.76 -5.10 23.25
C THR A 307 36.97 -4.83 22.36
N PHE A 308 38.07 -4.35 22.94
CA PHE A 308 39.21 -3.90 22.15
C PHE A 308 40.40 -4.89 22.15
N GLY A 309 40.16 -6.06 22.73
CA GLY A 309 41.17 -7.12 22.73
C GLY A 309 40.80 -8.26 21.79
N PRO A 310 41.61 -9.32 21.80
CA PRO A 310 41.47 -10.49 20.92
C PRO A 310 40.12 -11.22 20.99
N ILE A 311 39.48 -11.26 22.16
CA ILE A 311 38.14 -11.84 22.29
C ILE A 311 37.09 -10.94 21.63
N GLY A 312 37.27 -9.63 21.76
CA GLY A 312 36.46 -8.64 21.06
C GLY A 312 36.58 -8.78 19.56
N GLU A 313 37.82 -8.86 19.07
CA GLU A 313 38.13 -9.07 17.66
C GLU A 313 37.47 -10.36 17.15
N LEU A 314 37.58 -11.42 17.94
CA LEU A 314 36.96 -12.71 17.62
C LEU A 314 35.43 -12.61 17.58
N TRP A 315 34.86 -11.85 18.52
CA TRP A 315 33.41 -11.70 18.62
C TRP A 315 32.83 -10.92 17.47
N TYR A 316 33.49 -9.82 17.08
CA TYR A 316 33.06 -9.05 15.92
C TYR A 316 33.12 -9.86 14.63
N ARG A 317 34.25 -10.53 14.39
CA ARG A 317 34.37 -11.43 13.24
C ARG A 317 33.20 -12.44 13.17
N LYS A 318 32.88 -13.07 14.28
CA LYS A 318 31.81 -14.08 14.35
C LYS A 318 30.43 -13.52 14.07
N SER A 319 30.04 -12.45 14.75
CA SER A 319 28.71 -11.89 14.57
C SER A 319 28.51 -11.36 13.14
N GLY A 320 29.58 -10.83 12.54
CA GLY A 320 29.51 -10.29 11.19
C GLY A 320 29.75 -11.29 10.07
N THR A 321 29.97 -12.56 10.42
CA THR A 321 30.11 -13.63 9.40
C THR A 321 28.93 -14.58 9.48
N TYR A 322 28.23 -14.74 8.36
CA TYR A 322 27.03 -15.58 8.30
C TYR A 322 26.64 -15.79 6.84
N ARG A 323 25.83 -16.83 6.60
CA ARG A 323 25.34 -17.14 5.26
C ARG A 323 23.83 -17.39 5.29
N GLY A 324 23.14 -16.90 4.26
CA GLY A 324 21.69 -17.10 4.11
C GLY A 324 20.81 -16.57 5.22
N LYS A 325 21.20 -15.47 5.86
CA LYS A 325 20.38 -14.87 6.91
C LYS A 325 19.21 -14.07 6.31
N VAL A 326 18.00 -14.43 6.72
CA VAL A 326 16.80 -13.74 6.30
C VAL A 326 16.69 -12.41 7.07
N GLN A 327 16.59 -11.30 6.34
CA GLN A 327 16.52 -9.98 6.95
C GLN A 327 15.43 -9.13 6.32
N ASN A 328 14.75 -8.33 7.13
CA ASN A 328 13.85 -7.32 6.63
C ASN A 328 14.64 -6.09 6.22
N LEU A 329 13.94 -5.05 5.78
CA LEU A 329 14.58 -3.84 5.29
C LEU A 329 15.46 -3.17 6.35
N THR A 330 14.89 -2.90 7.52
CA THR A 330 15.65 -2.27 8.62
C THR A 330 16.96 -3.02 8.92
N GLN A 331 16.88 -4.34 9.04
CA GLN A 331 18.05 -5.18 9.36
C GLN A 331 19.14 -5.13 8.30
N PHE A 332 18.71 -5.29 7.05
CA PHE A 332 19.64 -5.41 5.94
C PHE A 332 20.10 -4.05 5.44
N TYR A 333 19.20 -3.08 5.42
CA TYR A 333 19.42 -1.84 4.69
C TYR A 333 19.68 -0.64 5.60
N HIS A 334 19.06 -0.61 6.77
CA HIS A 334 19.24 0.51 7.70
C HIS A 334 19.85 0.05 9.02
N PRO A 335 21.08 -0.49 9.00
CA PRO A 335 21.66 -1.05 10.23
C PRO A 335 22.14 0.01 11.23
N LEU A 336 21.93 1.28 10.89
CA LEU A 336 22.17 2.39 11.82
C LEU A 336 20.94 2.66 12.70
N ASP A 337 19.79 2.11 12.30
CA ASP A 337 18.53 2.31 13.03
C ASP A 337 18.54 1.77 14.45
N MET A 338 19.28 0.68 14.67
CA MET A 338 19.37 0.07 16.00
C MET A 338 20.26 0.84 16.99
N PHE A 339 21.13 1.71 16.47
CA PHE A 339 22.02 2.50 17.33
C PHE A 339 21.44 3.86 17.73
N GLY A 340 20.19 4.09 17.33
CA GLY A 340 19.37 5.23 17.77
C GLY A 340 20.02 6.57 18.02
N GLU A 341 20.06 6.96 19.30
CA GLU A 341 20.56 8.26 19.74
C GLU A 341 22.01 8.57 19.35
N TRP A 342 22.80 7.52 19.10
CA TRP A 342 24.20 7.67 18.74
C TRP A 342 24.38 7.66 17.24
N ALA A 349 25.16 18.32 12.58
CA ALA A 349 25.37 19.55 13.35
C ALA A 349 26.80 20.09 13.27
N GLY A 350 27.76 19.35 13.85
CA GLY A 350 29.17 19.76 13.81
C GLY A 350 29.99 18.80 12.97
N PHE A 351 29.39 18.33 11.88
CA PHE A 351 29.99 17.31 11.01
C PHE A 351 30.05 17.71 9.54
N LEU A 352 31.04 17.20 8.83
CA LEU A 352 31.16 17.42 7.40
C LEU A 352 31.16 16.07 6.69
N GLN A 353 30.10 15.87 5.91
CA GLN A 353 29.95 14.68 5.08
C GLN A 353 30.74 14.84 3.77
N TYR A 354 31.56 13.84 3.48
CA TYR A 354 32.40 13.85 2.29
C TYR A 354 32.23 12.52 1.57
N GLN A 355 31.83 12.57 0.30
CA GLN A 355 31.63 11.37 -0.50
C GLN A 355 32.30 11.50 -1.87
N PHE A 356 33.06 10.48 -2.27
CA PHE A 356 33.72 10.47 -3.56
C PHE A 356 33.77 9.06 -4.13
N VAL A 357 34.00 8.96 -5.43
CA VAL A 357 34.23 7.69 -6.08
C VAL A 357 35.51 7.80 -6.89
N ILE A 358 36.32 6.73 -6.86
CA ILE A 358 37.57 6.64 -7.62
C ILE A 358 37.39 5.49 -8.61
N PRO A 359 37.72 5.71 -9.89
CA PRO A 359 37.57 4.71 -10.95
C PRO A 359 38.15 3.35 -10.55
N THR A 360 37.50 2.28 -10.98
CA THR A 360 37.86 0.91 -10.55
C THR A 360 39.35 0.63 -10.64
N GLU A 361 39.92 0.87 -11.81
CA GLU A 361 41.33 0.59 -12.12
C GLU A 361 42.33 1.31 -11.20
N ALA A 362 41.94 2.45 -10.64
CA ALA A 362 42.86 3.23 -9.83
C ALA A 362 42.93 2.71 -8.38
N VAL A 363 43.23 1.43 -8.24
CA VAL A 363 43.23 0.75 -6.95
C VAL A 363 44.33 1.31 -6.02
N ASP A 364 45.53 1.50 -6.55
CA ASP A 364 46.65 2.00 -5.75
C ASP A 364 46.39 3.40 -5.24
N GLU A 365 45.78 4.21 -6.10
CA GLU A 365 45.45 5.58 -5.83
C GLU A 365 44.33 5.64 -4.77
N PHE A 366 43.34 4.75 -4.91
CA PHE A 366 42.29 4.61 -3.91
C PHE A 366 42.88 4.30 -2.52
N LYS A 367 43.75 3.31 -2.45
CA LYS A 367 44.40 2.95 -1.18
C LYS A 367 45.16 4.12 -0.59
N LYS A 368 45.92 4.82 -1.44
CA LYS A 368 46.60 6.05 -1.07
C LYS A 368 45.67 7.06 -0.40
N ILE A 369 44.51 7.32 -1.03
CA ILE A 369 43.56 8.28 -0.46
C ILE A 369 43.04 7.88 0.94
N ILE A 370 42.76 6.59 1.15
CA ILE A 370 42.37 6.09 2.46
C ILE A 370 43.47 6.28 3.50
N GLY A 371 44.72 6.02 3.09
CA GLY A 371 45.90 6.33 3.91
C GLY A 371 45.99 7.80 4.29
N VAL A 372 45.76 8.69 3.33
CA VAL A 372 45.79 10.13 3.60
C VAL A 372 44.75 10.49 4.66
N ILE A 373 43.53 9.96 4.50
CA ILE A 373 42.45 10.15 5.48
C ILE A 373 42.85 9.71 6.89
N GLN A 374 43.42 8.52 7.01
CA GLN A 374 43.78 7.96 8.31
C GLN A 374 44.84 8.79 9.04
N ALA A 375 45.81 9.31 8.31
CA ALA A 375 46.92 10.07 8.90
C ALA A 375 46.60 11.55 9.06
N SER A 376 45.38 11.95 8.73
CA SER A 376 45.05 13.37 8.67
C SER A 376 44.87 14.01 10.06
N GLY A 377 44.57 13.18 11.06
CA GLY A 377 44.21 13.66 12.38
C GLY A 377 42.73 14.00 12.45
N HIS A 378 41.99 13.64 11.39
CA HIS A 378 40.54 13.80 11.36
C HIS A 378 39.91 12.43 11.38
N TYR A 379 39.08 12.19 12.40
CA TYR A 379 38.58 10.85 12.70
C TYR A 379 37.10 10.66 12.33
N SER A 380 36.84 9.74 11.41
CA SER A 380 35.48 9.44 10.98
C SER A 380 35.09 8.03 11.37
N PHE A 381 33.91 7.90 11.99
CA PHE A 381 33.38 6.60 12.43
C PHE A 381 32.33 6.06 11.47
N LEU A 382 31.54 6.93 10.88
CA LEU A 382 30.45 6.49 10.01
C LEU A 382 30.91 6.42 8.56
N ASN A 383 31.45 5.28 8.18
CA ASN A 383 32.08 5.12 6.88
C ASN A 383 31.35 4.12 6.00
N VAL A 384 31.10 4.51 4.75
CA VAL A 384 30.47 3.64 3.76
C VAL A 384 31.49 3.28 2.69
N PHE A 385 31.52 1.99 2.33
CA PHE A 385 32.37 1.50 1.27
C PHE A 385 31.46 0.75 0.30
N LYS A 386 31.63 0.99 -0.99
CA LYS A 386 30.83 0.31 -2.00
C LYS A 386 31.46 0.38 -3.39
N LEU A 387 31.49 -0.76 -4.10
CA LEU A 387 31.96 -0.78 -5.48
C LEU A 387 30.79 -0.51 -6.43
N PHE A 388 30.79 0.67 -7.07
CA PHE A 388 29.79 1.07 -8.06
C PHE A 388 29.96 0.26 -9.35
N GLY A 389 28.85 0.01 -10.05
CA GLY A 389 28.90 -0.63 -11.37
C GLY A 389 28.87 0.39 -12.51
N PRO A 390 28.47 -0.04 -13.72
CA PRO A 390 28.44 0.83 -14.90
C PRO A 390 27.67 2.16 -14.68
N ARG A 391 28.15 3.25 -15.29
CA ARG A 391 27.49 4.56 -15.20
C ARG A 391 26.31 4.67 -16.19
N ASN A 392 25.51 5.72 -16.09
CA ASN A 392 24.47 6.00 -17.08
C ASN A 392 24.85 7.20 -17.96
N GLN A 393 23.97 7.55 -18.89
CA GLN A 393 24.29 8.56 -19.88
C GLN A 393 24.12 10.01 -19.42
N ALA A 394 23.71 10.23 -18.16
CA ALA A 394 23.49 11.60 -17.69
C ALA A 394 24.82 12.31 -17.50
N PRO A 395 25.01 13.47 -18.18
CA PRO A 395 26.32 14.12 -18.14
C PRO A 395 26.75 14.59 -16.76
N LEU A 396 25.80 14.85 -15.87
CA LEU A 396 26.14 15.23 -14.48
C LEU A 396 25.92 14.14 -13.42
N SER A 397 25.58 12.92 -13.85
CA SER A 397 25.44 11.79 -12.91
C SER A 397 26.73 11.57 -12.11
N PHE A 398 26.61 11.45 -10.79
CA PHE A 398 27.77 11.18 -9.92
C PHE A 398 28.42 9.79 -10.13
N PRO A 399 27.61 8.69 -10.07
CA PRO A 399 28.26 7.38 -10.03
C PRO A 399 29.00 7.01 -11.33
N ILE A 400 30.22 6.51 -11.15
CA ILE A 400 30.99 5.86 -12.20
C ILE A 400 31.50 4.53 -11.62
N PRO A 401 31.77 3.51 -12.47
CA PRO A 401 32.28 2.25 -11.91
C PRO A 401 33.56 2.48 -11.11
N GLY A 402 33.57 2.01 -9.86
CA GLY A 402 34.71 2.28 -9.00
C GLY A 402 34.37 2.34 -7.53
N TRP A 403 35.37 2.72 -6.76
CA TRP A 403 35.36 2.65 -5.31
C TRP A 403 34.71 3.87 -4.73
N ASN A 404 33.50 3.69 -4.19
CA ASN A 404 32.74 4.77 -3.57
C ASN A 404 32.92 4.77 -2.07
N ILE A 405 33.10 5.97 -1.51
CA ILE A 405 33.41 6.14 -0.09
C ILE A 405 32.63 7.34 0.48
N CYS A 406 32.00 7.16 1.64
CA CYS A 406 31.51 8.29 2.45
C CYS A 406 32.17 8.31 3.81
N VAL A 407 32.56 9.50 4.23
CA VAL A 407 33.15 9.67 5.54
C VAL A 407 32.45 10.86 6.20
N ASP A 408 32.50 10.91 7.53
CA ASP A 408 31.84 11.97 8.27
C ASP A 408 32.83 12.56 9.27
N PHE A 409 33.30 13.77 8.97
CA PHE A 409 34.34 14.39 9.78
C PHE A 409 33.75 15.41 10.73
N PRO A 410 34.07 15.30 12.03
CA PRO A 410 33.71 16.38 12.95
C PRO A 410 34.36 17.70 12.50
N ILE A 411 33.64 18.79 12.58
CA ILE A 411 34.17 20.07 12.16
C ILE A 411 35.14 20.60 13.23
N LYS A 412 36.40 20.74 12.84
CA LYS A 412 37.44 21.25 13.73
C LYS A 412 38.55 21.93 12.93
N ASP A 413 39.44 22.64 13.62
CA ASP A 413 40.55 23.37 12.99
C ASP A 413 41.32 22.49 12.00
N GLY A 414 41.52 23.02 10.80
CA GLY A 414 42.27 22.33 9.77
C GLY A 414 41.42 21.60 8.74
N LEU A 415 40.14 21.39 9.05
CA LEU A 415 39.29 20.54 8.20
C LEU A 415 39.05 21.12 6.82
N GLY A 416 38.62 22.38 6.75
CA GLY A 416 38.38 23.06 5.46
C GLY A 416 39.55 22.87 4.51
N LYS A 417 40.75 23.20 4.97
CA LYS A 417 41.93 23.11 4.12
C LYS A 417 42.34 21.68 3.79
N PHE A 418 42.01 20.75 4.68
CA PHE A 418 42.31 19.33 4.41
C PHE A 418 41.36 18.72 3.38
N VAL A 419 40.07 19.05 3.44
CA VAL A 419 39.15 18.49 2.45
C VAL A 419 39.44 19.05 1.05
N SER A 420 40.01 20.26 0.97
CA SER A 420 40.48 20.80 -0.30
C SER A 420 41.62 19.97 -0.86
N GLU A 421 42.51 19.52 0.01
CA GLU A 421 43.58 18.61 -0.43
C GLU A 421 42.99 17.30 -0.90
N LEU A 422 41.99 16.78 -0.18
CA LEU A 422 41.30 15.59 -0.61
C LEU A 422 40.70 15.78 -2.01
N ASP A 423 40.02 16.91 -2.22
CA ASP A 423 39.48 17.28 -3.54
C ASP A 423 40.54 17.10 -4.63
N ARG A 424 41.74 17.61 -4.36
CA ARG A 424 42.83 17.60 -5.34
C ARG A 424 43.19 16.17 -5.70
N ARG A 425 43.28 15.32 -4.68
CA ARG A 425 43.63 13.92 -4.88
C ARG A 425 42.52 13.16 -5.60
N VAL A 426 41.27 13.38 -5.19
CA VAL A 426 40.11 12.77 -5.89
C VAL A 426 40.13 13.17 -7.36
N LEU A 427 40.32 14.47 -7.61
CA LEU A 427 40.37 15.00 -8.97
C LEU A 427 41.47 14.30 -9.78
N GLU A 428 42.71 14.38 -9.33
CA GLU A 428 43.82 13.82 -10.09
C GLU A 428 43.74 12.29 -10.24
N PHE A 429 43.01 11.63 -9.34
CA PHE A 429 42.79 10.19 -9.47
C PHE A 429 41.54 9.84 -10.31
N GLY A 430 41.03 10.82 -11.05
CA GLY A 430 39.92 10.57 -12.00
C GLY A 430 38.53 10.45 -11.42
N GLY A 431 38.40 10.70 -10.12
CA GLY A 431 37.13 10.54 -9.42
C GLY A 431 36.40 11.87 -9.30
N ARG A 432 35.32 11.88 -8.52
CA ARG A 432 34.51 13.08 -8.35
C ARG A 432 33.81 13.09 -7.00
N LEU A 433 33.34 14.28 -6.61
CA LEU A 433 32.43 14.48 -5.48
C LEU A 433 30.99 14.44 -5.94
N TYR A 434 30.09 14.29 -4.96
CA TYR A 434 28.65 14.16 -5.15
C TYR A 434 27.97 15.45 -4.69
N THR A 435 27.18 16.08 -5.57
CA THR A 435 26.48 17.33 -5.23
C THR A 435 25.55 17.21 -4.03
N ALA A 436 24.91 16.06 -3.86
CA ALA A 436 24.02 15.81 -2.70
C ALA A 436 24.75 15.90 -1.36
N LYS A 437 26.07 15.77 -1.39
CA LYS A 437 26.89 15.80 -0.17
C LYS A 437 27.72 17.10 -0.05
N ASP A 438 27.85 17.84 -1.15
CA ASP A 438 28.78 18.98 -1.17
C ASP A 438 28.17 20.31 -0.75
N SER A 439 28.94 21.07 0.01
CA SER A 439 28.60 22.47 0.28
C SER A 439 29.81 23.38 0.15
N ARG A 440 30.98 22.81 -0.13
CA ARG A 440 32.20 23.62 -0.05
C ARG A 440 33.29 23.48 -1.15
N THR A 441 33.13 22.56 -2.12
CA THR A 441 34.11 22.49 -3.21
C THR A 441 34.04 23.73 -4.11
N THR A 442 35.08 23.96 -4.92
CA THR A 442 35.08 25.10 -5.84
C THR A 442 34.54 24.70 -7.20
N ALA A 443 34.08 25.69 -7.97
CA ALA A 443 33.64 25.51 -9.34
C ALA A 443 34.74 24.91 -10.22
N GLU A 444 35.98 25.37 -10.06
CA GLU A 444 37.08 24.83 -10.84
C GLU A 444 37.27 23.32 -10.63
N THR A 445 37.27 22.88 -9.37
CA THR A 445 37.40 21.47 -9.05
C THR A 445 36.25 20.65 -9.63
N PHE A 446 35.03 21.14 -9.42
CA PHE A 446 33.84 20.44 -9.86
C PHE A 446 33.82 20.25 -11.37
N HIS A 447 34.12 21.33 -12.11
CA HIS A 447 34.13 21.26 -13.58
C HIS A 447 35.14 20.27 -14.08
N ALA A 448 36.32 20.25 -13.45
CA ALA A 448 37.34 19.28 -13.84
C ALA A 448 36.90 17.83 -13.53
N MET A 449 36.19 17.65 -12.43
CA MET A 449 35.69 16.33 -12.02
C MET A 449 34.58 15.83 -12.91
N TYR A 450 33.87 16.75 -13.55
CA TYR A 450 32.78 16.40 -14.45
C TYR A 450 33.09 16.88 -15.88
N PRO A 451 33.85 16.06 -16.64
CA PRO A 451 34.27 16.60 -17.95
C PRO A 451 33.14 16.81 -18.96
N ARG A 452 31.93 16.36 -18.66
CA ARG A 452 30.79 16.61 -19.55
C ARG A 452 29.93 17.79 -19.07
N VAL A 453 30.48 18.59 -18.17
CA VAL A 453 29.73 19.70 -17.57
C VAL A 453 29.38 20.78 -18.62
N ASP A 454 30.29 21.02 -19.57
CA ASP A 454 30.08 21.99 -20.65
C ASP A 454 28.91 21.54 -21.51
N GLU A 455 28.93 20.26 -21.86
CA GLU A 455 27.84 19.63 -22.58
C GLU A 455 26.51 19.87 -21.84
N TRP A 456 26.51 19.60 -20.54
CA TRP A 456 25.34 19.83 -19.70
C TRP A 456 24.93 21.30 -19.65
N ILE A 457 25.90 22.18 -19.46
CA ILE A 457 25.61 23.61 -19.39
C ILE A 457 24.92 24.09 -20.68
N SER A 458 25.40 23.62 -21.83
CA SER A 458 24.77 23.93 -23.14
C SER A 458 23.31 23.50 -23.23
N VAL A 459 22.98 22.35 -22.67
CA VAL A 459 21.59 21.92 -22.60
C VAL A 459 20.80 22.87 -21.68
N ARG A 460 21.34 23.17 -20.51
CA ARG A 460 20.66 24.02 -19.53
C ARG A 460 20.39 25.43 -20.05
N ARG A 461 21.31 25.94 -20.86
CA ARG A 461 21.24 27.30 -21.37
C ARG A 461 20.22 27.38 -22.50
N LYS A 462 20.02 26.25 -23.18
CA LYS A 462 19.03 26.11 -24.24
C LYS A 462 17.60 26.05 -23.69
N VAL A 463 17.44 25.44 -22.52
CA VAL A 463 16.12 25.28 -21.92
C VAL A 463 15.83 26.34 -20.85
N ASP A 464 16.85 27.12 -20.51
CA ASP A 464 16.70 28.21 -19.56
C ASP A 464 17.65 29.39 -19.91
N PRO A 465 17.37 30.09 -21.04
CA PRO A 465 18.21 31.22 -21.44
C PRO A 465 18.27 32.36 -20.41
N LEU A 466 17.18 32.58 -19.67
CA LEU A 466 17.09 33.70 -18.72
C LEU A 466 17.46 33.38 -17.28
N ARG A 467 17.92 32.15 -17.02
CA ARG A 467 18.29 31.72 -15.66
C ARG A 467 17.13 31.86 -14.66
N VAL A 468 15.94 31.45 -15.08
CA VAL A 468 14.78 31.39 -14.19
C VAL A 468 15.04 30.41 -13.04
N PHE A 469 15.72 29.31 -13.35
CA PHE A 469 16.10 28.35 -12.31
C PHE A 469 17.52 28.55 -11.84
N ALA A 470 17.67 28.66 -10.52
CA ALA A 470 18.93 29.04 -9.90
C ALA A 470 18.94 28.58 -8.46
N SER A 471 20.15 28.40 -7.92
CA SER A 471 20.32 27.95 -6.55
C SER A 471 21.67 28.42 -6.01
N ASP A 472 21.86 28.35 -4.70
CA ASP A 472 23.16 28.69 -4.12
C ASP A 472 24.26 27.79 -4.71
N MET A 473 23.93 26.52 -4.94
CA MET A 473 24.89 25.60 -5.57
C MET A 473 25.23 25.99 -7.01
N ALA A 474 24.22 26.33 -7.79
CA ALA A 474 24.43 26.77 -9.17
C ALA A 474 25.40 27.95 -9.24
N ARG A 475 25.26 28.87 -8.29
CA ARG A 475 26.11 30.05 -8.24
C ARG A 475 27.52 29.69 -7.75
N ARG A 476 27.61 28.89 -6.69
CA ARG A 476 28.91 28.46 -6.15
C ARG A 476 29.71 27.64 -7.18
N LEU A 477 29.04 26.72 -7.86
CA LEU A 477 29.71 25.80 -8.79
C LEU A 477 29.69 26.28 -10.23
N GLU A 478 29.20 27.49 -10.43
CA GLU A 478 29.12 28.14 -11.75
C GLU A 478 28.44 27.23 -12.77
N LEU A 479 27.26 26.76 -12.41
CA LEU A 479 26.43 25.98 -13.30
C LEU A 479 25.30 26.85 -13.87
N LEU A 480 25.12 28.01 -13.24
CA LEU A 480 24.05 28.95 -13.58
C LEU A 480 24.15 29.41 -15.02
N THR B 27 -6.24 -31.69 -7.15
CA THR B 27 -7.63 -32.16 -6.84
C THR B 27 -7.64 -33.06 -5.60
N THR B 28 -7.98 -32.46 -4.45
CA THR B 28 -8.06 -33.17 -3.19
C THR B 28 -9.51 -33.33 -2.76
N ALA B 29 -9.91 -34.58 -2.48
CA ALA B 29 -11.24 -34.85 -1.94
C ALA B 29 -11.33 -34.33 -0.51
N THR B 30 -12.04 -33.22 -0.32
CA THR B 30 -12.11 -32.54 0.99
C THR B 30 -13.52 -32.47 1.54
N ARG B 31 -13.64 -32.68 2.85
CA ARG B 31 -14.90 -32.51 3.56
C ARG B 31 -15.14 -31.02 3.80
N LEU B 32 -16.23 -30.51 3.24
CA LEU B 32 -16.51 -29.06 3.27
C LEU B 32 -17.81 -28.73 4.02
N THR B 33 -17.78 -27.64 4.77
CA THR B 33 -18.99 -27.05 5.36
C THR B 33 -19.01 -25.54 5.10
N GLY B 34 -20.11 -24.89 5.47
CA GLY B 34 -20.15 -23.43 5.51
C GLY B 34 -19.54 -22.94 6.81
N TRP B 35 -19.76 -21.67 7.13
CA TRP B 35 -19.30 -21.11 8.41
C TRP B 35 -20.12 -21.60 9.57
N GLY B 36 -21.33 -22.10 9.28
CA GLY B 36 -22.20 -22.68 10.30
C GLY B 36 -21.74 -24.03 10.80
N ARG B 37 -20.73 -24.59 10.13
CA ARG B 37 -20.08 -25.87 10.51
C ARG B 37 -21.00 -27.10 10.38
N THR B 38 -22.14 -26.93 9.72
CA THR B 38 -23.12 -28.03 9.58
C THR B 38 -23.38 -28.39 8.12
N ALA B 39 -24.09 -29.50 7.92
CA ALA B 39 -24.38 -30.08 6.59
C ALA B 39 -23.10 -30.33 5.75
N PRO B 40 -22.27 -31.30 6.16
CA PRO B 40 -21.03 -31.57 5.43
C PRO B 40 -21.19 -32.47 4.21
N SER B 41 -20.42 -32.19 3.16
CA SER B 41 -20.39 -33.03 1.96
C SER B 41 -18.99 -33.03 1.35
N VAL B 42 -18.50 -34.22 1.00
CA VAL B 42 -17.15 -34.37 0.43
C VAL B 42 -17.12 -34.00 -1.07
N ALA B 43 -16.14 -33.17 -1.44
CA ALA B 43 -15.97 -32.77 -2.84
C ALA B 43 -14.52 -32.77 -3.30
N ASN B 44 -14.34 -32.72 -4.61
CA ASN B 44 -13.02 -32.52 -5.22
C ASN B 44 -12.64 -31.05 -5.18
N VAL B 45 -11.59 -30.72 -4.43
CA VAL B 45 -11.15 -29.34 -4.27
C VAL B 45 -9.88 -29.02 -5.07
N LEU B 46 -10.04 -28.20 -6.11
CA LEU B 46 -8.91 -27.68 -6.85
C LEU B 46 -8.41 -26.39 -6.20
N ARG B 47 -7.11 -26.33 -5.92
CA ARG B 47 -6.49 -25.14 -5.36
C ARG B 47 -5.20 -24.78 -6.11
N THR B 48 -5.29 -23.78 -6.98
CA THR B 48 -4.17 -23.41 -7.84
C THR B 48 -4.13 -21.90 -8.15
N PRO B 49 -2.93 -21.28 -8.07
CA PRO B 49 -2.77 -19.88 -8.45
C PRO B 49 -2.73 -19.70 -9.98
N ASP B 50 -2.89 -20.82 -10.69
CA ASP B 50 -2.77 -20.83 -12.14
C ASP B 50 -4.13 -20.75 -12.82
N ALA B 51 -4.44 -19.58 -13.37
CA ALA B 51 -5.73 -19.34 -14.03
C ALA B 51 -5.93 -20.27 -15.23
N GLU B 52 -4.84 -20.82 -15.74
CA GLU B 52 -4.87 -21.77 -16.86
C GLU B 52 -5.44 -23.11 -16.44
N MET B 53 -5.09 -23.54 -15.24
CA MET B 53 -5.55 -24.82 -14.69
C MET B 53 -7.05 -24.79 -14.43
N ILE B 54 -7.53 -23.68 -13.89
CA ILE B 54 -8.94 -23.50 -13.56
C ILE B 54 -9.81 -23.64 -14.81
N VAL B 55 -9.41 -22.98 -15.90
CA VAL B 55 -10.10 -23.11 -17.19
C VAL B 55 -10.15 -24.57 -17.64
N LYS B 56 -9.03 -25.28 -17.53
CA LYS B 56 -8.96 -26.69 -17.94
C LYS B 56 -9.86 -27.58 -17.11
N ALA B 57 -9.97 -27.28 -15.82
CA ALA B 57 -10.83 -28.03 -14.90
C ALA B 57 -12.30 -27.90 -15.29
N VAL B 58 -12.68 -26.71 -15.76
CA VAL B 58 -14.06 -26.44 -16.19
C VAL B 58 -14.42 -27.23 -17.45
N ALA B 59 -13.50 -27.26 -18.41
CA ALA B 59 -13.66 -28.06 -19.63
C ALA B 59 -13.70 -29.56 -19.30
N ARG B 60 -12.85 -29.99 -18.36
CA ARG B 60 -12.83 -31.35 -17.83
C ARG B 60 -14.21 -31.76 -17.28
N VAL B 61 -14.90 -30.82 -16.63
CA VAL B 61 -16.23 -31.05 -16.08
C VAL B 61 -17.29 -30.94 -17.18
N ALA B 62 -17.07 -30.05 -18.14
CA ALA B 62 -18.00 -29.85 -19.25
C ALA B 62 -18.05 -31.05 -20.20
N GLU B 63 -16.97 -31.81 -20.27
CA GLU B 63 -16.87 -32.97 -21.17
C GLU B 63 -17.30 -34.28 -20.50
N SER B 64 -17.35 -34.28 -19.17
CA SER B 64 -17.57 -35.51 -18.40
C SER B 64 -18.92 -36.25 -18.57
N GLY B 65 -20.06 -35.55 -18.62
CA GLY B 65 -20.17 -34.09 -18.51
C GLY B 65 -21.58 -33.59 -18.80
N GLY B 66 -22.09 -32.69 -17.96
CA GLY B 66 -21.37 -32.21 -16.77
C GLY B 66 -22.15 -32.44 -15.49
N GLY B 67 -22.64 -33.68 -15.33
CA GLY B 67 -23.53 -34.07 -14.23
C GLY B 67 -23.21 -33.56 -12.84
N ARG B 68 -22.01 -33.85 -12.35
CA ARG B 68 -21.63 -33.51 -10.98
C ARG B 68 -21.31 -32.04 -10.71
N GLY B 69 -21.01 -31.28 -11.77
CA GLY B 69 -20.84 -29.84 -11.69
C GLY B 69 -19.61 -29.35 -10.95
N ALA B 70 -19.48 -28.02 -10.91
CA ALA B 70 -18.39 -27.34 -10.20
C ALA B 70 -18.87 -26.03 -9.61
N ILE B 71 -18.38 -25.71 -8.41
CA ILE B 71 -18.66 -24.41 -7.81
C ILE B 71 -17.39 -23.75 -7.27
N ALA B 72 -17.34 -22.43 -7.35
CA ALA B 72 -16.23 -21.67 -6.77
C ALA B 72 -16.42 -21.59 -5.27
N ARG B 73 -15.30 -21.49 -4.55
CA ARG B 73 -15.28 -21.25 -3.12
C ARG B 73 -14.34 -20.09 -2.83
N GLY B 74 -14.76 -19.18 -1.95
CA GLY B 74 -13.91 -18.06 -1.55
C GLY B 74 -13.22 -18.41 -0.25
N LEU B 75 -13.43 -17.59 0.77
CA LEU B 75 -12.87 -17.86 2.10
C LEU B 75 -13.83 -18.66 3.00
N GLY B 76 -14.91 -19.17 2.40
CA GLY B 76 -15.87 -20.03 3.09
C GLY B 76 -16.64 -19.37 4.23
N ARG B 77 -16.85 -18.06 4.13
CA ARG B 77 -17.56 -17.33 5.18
C ARG B 77 -19.09 -17.39 5.11
N SER B 78 -19.66 -17.80 3.97
CA SER B 78 -21.10 -18.06 3.92
C SER B 78 -21.43 -19.18 4.89
N TYR B 79 -22.47 -19.00 5.68
CA TYR B 79 -22.91 -20.00 6.64
C TYR B 79 -23.53 -21.21 5.91
N GLY B 80 -24.16 -20.93 4.78
CA GLY B 80 -24.89 -21.94 4.04
C GLY B 80 -24.06 -22.92 3.24
N ASP B 81 -24.70 -23.53 2.26
CA ASP B 81 -24.13 -24.59 1.46
C ASP B 81 -23.95 -24.15 0.01
N ASN B 82 -23.84 -22.83 -0.20
CA ASN B 82 -23.65 -22.28 -1.54
C ASN B 82 -22.23 -22.41 -2.10
N ALA B 83 -21.27 -22.64 -1.21
CA ALA B 83 -19.85 -22.77 -1.59
C ALA B 83 -19.32 -24.21 -1.45
N GLN B 84 -20.22 -25.19 -1.63
CA GLN B 84 -19.85 -26.59 -1.63
C GLN B 84 -20.69 -27.40 -2.61
N ASN B 85 -20.06 -28.42 -3.19
CA ASN B 85 -20.68 -29.22 -4.25
C ASN B 85 -20.44 -30.70 -3.97
N GLY B 86 -21.31 -31.28 -3.15
CA GLY B 86 -21.22 -32.68 -2.75
C GLY B 86 -21.05 -33.61 -3.93
N GLY B 87 -19.98 -34.40 -3.90
CA GLY B 87 -19.68 -35.34 -4.97
C GLY B 87 -19.26 -34.70 -6.29
N GLY B 88 -18.96 -33.40 -6.26
CA GLY B 88 -18.54 -32.67 -7.47
C GLY B 88 -17.20 -31.98 -7.32
N LEU B 89 -16.94 -31.00 -8.20
CA LEU B 89 -15.73 -30.20 -8.09
C LEU B 89 -15.96 -28.85 -7.40
N VAL B 90 -15.11 -28.55 -6.42
CA VAL B 90 -15.07 -27.24 -5.77
C VAL B 90 -13.73 -26.56 -6.07
N ILE B 91 -13.79 -25.40 -6.71
CA ILE B 91 -12.58 -24.67 -7.08
C ILE B 91 -12.28 -23.52 -6.11
N ASP B 92 -11.26 -23.72 -5.28
CA ASP B 92 -10.84 -22.72 -4.29
C ASP B 92 -10.14 -21.57 -4.98
N MET B 93 -10.68 -20.36 -4.83
CA MET B 93 -10.22 -19.21 -5.59
C MET B 93 -9.22 -18.32 -4.86
N THR B 94 -8.96 -18.64 -3.60
CA THR B 94 -8.06 -17.82 -2.75
C THR B 94 -6.60 -17.67 -3.25
N PRO B 95 -6.03 -18.70 -3.93
CA PRO B 95 -4.67 -18.50 -4.48
C PRO B 95 -4.59 -17.52 -5.65
N LEU B 96 -5.74 -17.18 -6.23
CA LEU B 96 -5.77 -16.19 -7.30
C LEU B 96 -6.04 -14.81 -6.69
N ASN B 97 -5.02 -14.24 -6.07
CA ASN B 97 -5.16 -13.03 -5.28
C ASN B 97 -4.28 -11.87 -5.74
N THR B 98 -4.14 -11.70 -7.05
CA THR B 98 -3.32 -10.61 -7.59
C THR B 98 -4.07 -9.29 -7.68
N ILE B 99 -3.50 -8.26 -7.09
CA ILE B 99 -3.97 -6.89 -7.28
C ILE B 99 -3.22 -6.32 -8.49
N HIS B 100 -3.95 -6.10 -9.58
CA HIS B 100 -3.34 -5.69 -10.84
C HIS B 100 -3.08 -4.21 -10.92
N SER B 101 -4.06 -3.40 -10.52
CA SER B 101 -3.89 -1.96 -10.50
C SER B 101 -4.88 -1.26 -9.59
N ILE B 102 -4.46 -0.10 -9.11
CA ILE B 102 -5.32 0.80 -8.35
C ILE B 102 -4.97 2.17 -8.89
N ASP B 103 -5.99 3.00 -9.09
CA ASP B 103 -5.83 4.28 -9.72
C ASP B 103 -6.62 5.33 -8.96
N ALA B 104 -5.93 6.31 -8.39
CA ALA B 104 -6.58 7.31 -7.54
C ALA B 104 -7.41 8.33 -8.34
N ASP B 105 -7.06 8.52 -9.61
CA ASP B 105 -7.78 9.49 -10.45
C ASP B 105 -9.12 8.93 -10.90
N THR B 106 -9.11 7.69 -11.37
CA THR B 106 -10.33 7.05 -11.83
C THR B 106 -11.09 6.37 -10.68
N LYS B 107 -10.39 6.12 -9.56
CA LYS B 107 -10.95 5.44 -8.40
C LYS B 107 -11.24 3.95 -8.64
N LEU B 108 -10.66 3.40 -9.70
CA LEU B 108 -10.84 2.00 -10.06
C LEU B 108 -9.74 1.09 -9.50
N VAL B 109 -10.16 -0.08 -9.03
CA VAL B 109 -9.25 -1.15 -8.66
C VAL B 109 -9.54 -2.33 -9.60
N ASP B 110 -8.47 -2.94 -10.11
CA ASP B 110 -8.58 -4.09 -10.99
C ASP B 110 -7.92 -5.25 -10.25
N ILE B 111 -8.73 -6.19 -9.79
CA ILE B 111 -8.23 -7.29 -8.97
C ILE B 111 -8.82 -8.64 -9.38
N ASP B 112 -8.12 -9.71 -9.00
CA ASP B 112 -8.56 -11.08 -9.14
C ASP B 112 -9.58 -11.43 -8.06
N ALA B 113 -10.52 -12.32 -8.40
CA ALA B 113 -11.64 -12.64 -7.50
C ALA B 113 -11.24 -13.22 -6.14
N GLY B 114 -10.01 -13.69 -6.03
CA GLY B 114 -9.54 -14.31 -4.80
C GLY B 114 -8.97 -13.33 -3.80
N VAL B 115 -8.78 -12.09 -4.23
CA VAL B 115 -8.38 -10.98 -3.34
C VAL B 115 -9.47 -10.81 -2.29
N ASN B 116 -9.05 -10.71 -1.03
CA ASN B 116 -9.98 -10.45 0.06
C ASN B 116 -10.10 -8.96 0.37
N LEU B 117 -11.17 -8.58 1.05
CA LEU B 117 -11.48 -7.15 1.27
C LEU B 117 -10.55 -6.50 2.26
N ASP B 118 -9.98 -7.29 3.16
CA ASP B 118 -8.94 -6.81 4.08
C ASP B 118 -7.69 -6.44 3.29
N GLN B 119 -7.28 -7.33 2.38
CA GLN B 119 -6.14 -7.13 1.51
C GLN B 119 -6.37 -5.89 0.62
N LEU B 120 -7.55 -5.81 0.01
CA LEU B 120 -7.94 -4.68 -0.82
C LEU B 120 -7.96 -3.35 -0.03
N MET B 121 -8.54 -3.33 1.16
CA MET B 121 -8.58 -2.13 2.01
C MET B 121 -7.17 -1.58 2.30
N LYS B 122 -6.28 -2.47 2.74
CA LYS B 122 -4.88 -2.12 2.99
C LYS B 122 -4.23 -1.53 1.76
N ALA B 123 -4.38 -2.24 0.64
CA ALA B 123 -3.72 -1.84 -0.60
C ALA B 123 -4.20 -0.50 -1.13
N ALA B 124 -5.50 -0.21 -1.01
CA ALA B 124 -6.12 1.00 -1.58
C ALA B 124 -6.05 2.27 -0.72
N LEU B 125 -5.96 2.10 0.60
CA LEU B 125 -5.88 3.24 1.52
C LEU B 125 -4.83 4.32 1.13
N PRO B 126 -3.60 3.91 0.75
CA PRO B 126 -2.62 4.94 0.37
C PRO B 126 -2.96 5.73 -0.92
N PHE B 127 -4.06 5.38 -1.57
CA PHE B 127 -4.51 6.11 -2.75
C PHE B 127 -5.68 7.02 -2.39
N GLY B 128 -6.03 7.07 -1.11
CA GLY B 128 -7.22 7.78 -0.65
C GLY B 128 -8.52 7.14 -1.15
N LEU B 129 -8.52 5.81 -1.19
CA LEU B 129 -9.67 5.03 -1.65
C LEU B 129 -10.17 4.07 -0.58
N TRP B 130 -11.49 3.87 -0.55
CA TRP B 130 -12.18 3.13 0.51
C TRP B 130 -13.10 2.10 -0.09
N VAL B 131 -13.01 0.86 0.40
CA VAL B 131 -13.88 -0.22 -0.05
C VAL B 131 -15.33 0.19 0.18
N PRO B 132 -16.10 0.28 -0.91
CA PRO B 132 -17.41 0.97 -0.88
C PRO B 132 -18.47 0.24 -0.07
N VAL B 133 -18.30 -1.07 0.11
CA VAL B 133 -19.21 -1.86 0.95
C VAL B 133 -18.40 -2.88 1.75
N LEU B 134 -18.48 -2.78 3.08
CA LEU B 134 -17.78 -3.72 3.97
C LEU B 134 -18.74 -4.54 4.83
N PRO B 135 -18.56 -5.86 4.85
CA PRO B 135 -19.41 -6.68 5.70
C PRO B 135 -18.83 -6.74 7.12
N GLY B 136 -19.56 -7.37 8.05
CA GLY B 136 -19.14 -7.51 9.44
C GLY B 136 -17.77 -8.16 9.69
N THR B 137 -17.24 -8.85 8.67
CA THR B 137 -15.91 -9.45 8.71
C THR B 137 -15.18 -9.03 7.43
N ARG B 138 -13.86 -8.88 7.49
CA ARG B 138 -13.10 -8.48 6.30
C ARG B 138 -12.49 -9.67 5.57
N GLN B 139 -12.54 -10.83 6.21
CA GLN B 139 -12.14 -12.08 5.57
C GLN B 139 -13.18 -12.60 4.58
N VAL B 140 -13.42 -11.84 3.51
CA VAL B 140 -14.24 -12.33 2.39
C VAL B 140 -13.58 -11.93 1.08
N THR B 141 -13.75 -12.75 0.05
CA THR B 141 -13.13 -12.52 -1.25
C THR B 141 -14.04 -11.65 -2.10
N VAL B 142 -13.45 -11.03 -3.13
CA VAL B 142 -14.18 -10.19 -4.08
C VAL B 142 -15.26 -11.01 -4.80
N GLY B 143 -14.91 -12.25 -5.13
CA GLY B 143 -15.85 -13.18 -5.76
C GLY B 143 -17.01 -13.54 -4.85
N GLY B 144 -16.70 -13.87 -3.59
CA GLY B 144 -17.74 -14.06 -2.56
C GLY B 144 -18.60 -12.82 -2.34
N ALA B 145 -17.98 -11.65 -2.42
CA ALA B 145 -18.66 -10.39 -2.19
C ALA B 145 -19.66 -10.11 -3.31
N ILE B 146 -19.27 -10.45 -4.54
CA ILE B 146 -20.13 -10.23 -5.70
C ILE B 146 -21.22 -11.29 -5.78
N ALA B 147 -20.85 -12.55 -5.56
CA ALA B 147 -21.77 -13.67 -5.70
C ALA B 147 -22.89 -13.64 -4.68
N CYS B 148 -22.63 -13.05 -3.52
CA CYS B 148 -23.67 -12.88 -2.51
C CYS B 148 -24.22 -11.45 -2.47
N ASP B 149 -23.75 -10.59 -3.38
CA ASP B 149 -24.12 -9.16 -3.42
C ASP B 149 -24.15 -8.64 -1.97
N ILE B 150 -23.00 -8.64 -1.31
CA ILE B 150 -22.96 -8.36 0.13
C ILE B 150 -23.35 -6.93 0.47
N HIS B 151 -23.86 -6.74 1.68
CA HIS B 151 -24.30 -5.46 2.18
C HIS B 151 -23.58 -5.11 3.44
N GLY B 152 -23.63 -3.84 3.82
CA GLY B 152 -22.98 -3.42 5.03
C GLY B 152 -23.73 -2.35 5.77
N LYS B 153 -23.02 -1.78 6.73
CA LYS B 153 -23.53 -0.75 7.61
C LYS B 153 -23.99 0.50 6.84
N ASN B 154 -23.49 0.66 5.61
CA ASN B 154 -23.84 1.80 4.75
C ASN B 154 -24.79 1.49 3.59
N HIS B 155 -25.55 0.38 3.69
CA HIS B 155 -26.45 0.02 2.59
C HIS B 155 -27.41 1.11 2.21
N HIS B 156 -27.99 1.80 3.20
CA HIS B 156 -29.00 2.83 2.96
C HIS B 156 -28.47 4.01 2.19
N SER B 157 -27.16 4.19 2.17
CA SER B 157 -26.56 5.30 1.44
C SER B 157 -25.71 4.88 0.25
N ALA B 158 -25.38 3.59 0.14
CA ALA B 158 -24.40 3.15 -0.86
C ALA B 158 -24.81 1.91 -1.65
N GLY B 159 -25.98 1.35 -1.32
CA GLY B 159 -26.43 0.08 -1.90
C GLY B 159 -25.57 -1.09 -1.45
N SER B 160 -25.59 -2.18 -2.22
CA SER B 160 -24.79 -3.36 -1.89
C SER B 160 -23.52 -3.42 -2.76
N PHE B 161 -22.73 -4.47 -2.59
CA PHE B 161 -21.45 -4.60 -3.29
C PHE B 161 -21.57 -4.60 -4.82
N GLY B 162 -22.63 -5.21 -5.36
CA GLY B 162 -22.83 -5.27 -6.81
C GLY B 162 -22.95 -3.91 -7.47
N ASN B 163 -23.59 -2.97 -6.78
CA ASN B 163 -23.71 -1.56 -7.19
C ASN B 163 -22.41 -0.87 -7.58
N HIS B 164 -21.28 -1.40 -7.10
CA HIS B 164 -19.98 -0.74 -7.27
C HIS B 164 -19.05 -1.46 -8.21
N VAL B 165 -19.49 -2.59 -8.73
CA VAL B 165 -18.70 -3.33 -9.71
C VAL B 165 -18.90 -2.69 -11.07
N ARG B 166 -17.79 -2.30 -11.72
CA ARG B 166 -17.86 -1.66 -13.04
C ARG B 166 -17.67 -2.64 -14.18
N SER B 167 -16.99 -3.75 -13.90
CA SER B 167 -16.86 -4.85 -14.86
C SER B 167 -16.39 -6.10 -14.14
N MET B 168 -16.67 -7.26 -14.74
CA MET B 168 -16.06 -8.51 -14.26
C MET B 168 -15.81 -9.52 -15.38
N ASP B 169 -14.84 -10.40 -15.16
CA ASP B 169 -14.50 -11.43 -16.12
C ASP B 169 -15.03 -12.77 -15.62
N LEU B 170 -15.95 -13.33 -16.39
CA LEU B 170 -16.66 -14.54 -16.00
C LEU B 170 -16.32 -15.73 -16.90
N LEU B 171 -15.68 -16.74 -16.30
CA LEU B 171 -15.44 -18.00 -16.98
C LEU B 171 -16.75 -18.77 -17.07
N THR B 172 -17.31 -18.83 -18.28
CA THR B 172 -18.59 -19.53 -18.51
C THR B 172 -18.40 -21.03 -18.78
N ALA B 173 -19.51 -21.74 -18.93
CA ALA B 173 -19.54 -23.20 -19.06
C ALA B 173 -18.77 -23.76 -20.26
N ASP B 174 -18.80 -23.02 -21.36
CA ASP B 174 -18.10 -23.42 -22.58
C ASP B 174 -16.61 -23.02 -22.57
N GLY B 175 -16.04 -22.83 -21.38
CA GLY B 175 -14.63 -22.50 -21.23
C GLY B 175 -14.26 -21.07 -21.60
N GLU B 176 -15.23 -20.29 -22.06
CA GLU B 176 -15.00 -18.90 -22.48
C GLU B 176 -15.03 -17.90 -21.31
N ILE B 177 -14.09 -16.96 -21.33
CA ILE B 177 -14.01 -15.88 -20.34
C ILE B 177 -14.70 -14.64 -20.90
N ARG B 178 -15.84 -14.27 -20.31
CA ARG B 178 -16.62 -13.14 -20.83
C ARG B 178 -16.53 -11.87 -19.98
N HIS B 179 -16.46 -10.73 -20.65
CA HIS B 179 -16.30 -9.43 -20.01
C HIS B 179 -17.65 -8.80 -19.81
N LEU B 180 -18.08 -8.72 -18.55
CA LEU B 180 -19.42 -8.22 -18.23
C LEU B 180 -19.37 -6.82 -17.64
N THR B 181 -20.31 -5.98 -18.04
CA THR B 181 -20.47 -4.63 -17.48
C THR B 181 -21.96 -4.42 -17.12
N PRO B 182 -22.25 -3.51 -16.16
CA PRO B 182 -23.65 -3.32 -15.69
C PRO B 182 -24.60 -2.69 -16.71
N THR B 183 -24.11 -1.82 -17.58
CA THR B 183 -24.96 -1.16 -18.58
C THR B 183 -24.62 -1.62 -19.99
N GLY B 184 -23.82 -2.67 -20.09
CA GLY B 184 -23.37 -3.13 -21.40
C GLY B 184 -24.39 -3.94 -22.16
N GLU B 185 -23.91 -4.59 -23.22
CA GLU B 185 -24.70 -5.49 -24.03
C GLU B 185 -25.00 -6.76 -23.25
N ASP B 186 -24.08 -7.12 -22.36
CA ASP B 186 -24.18 -8.33 -21.56
C ASP B 186 -24.67 -8.04 -20.14
N ALA B 187 -25.37 -6.92 -19.97
CA ALA B 187 -25.86 -6.43 -18.67
C ALA B 187 -26.72 -7.45 -17.91
N GLU B 188 -27.61 -8.12 -18.64
CA GLU B 188 -28.51 -9.11 -18.06
C GLU B 188 -27.75 -10.20 -17.30
N LEU B 189 -26.70 -10.73 -17.92
CA LEU B 189 -25.89 -11.77 -17.29
C LEU B 189 -25.01 -11.23 -16.15
N PHE B 190 -24.62 -9.96 -16.26
CA PHE B 190 -23.86 -9.28 -15.21
C PHE B 190 -24.69 -9.24 -13.94
N TRP B 191 -25.94 -8.81 -14.08
CA TRP B 191 -26.87 -8.71 -12.95
C TRP B 191 -27.41 -10.02 -12.43
N ALA B 192 -27.24 -11.11 -13.19
CA ALA B 192 -27.58 -12.45 -12.71
C ALA B 192 -26.41 -13.02 -11.93
N THR B 193 -25.22 -12.53 -12.25
CA THR B 193 -24.01 -12.96 -11.58
C THR B 193 -23.88 -12.30 -10.19
N VAL B 194 -24.28 -11.03 -10.09
CA VAL B 194 -24.41 -10.35 -8.80
C VAL B 194 -25.50 -11.09 -8.03
N GLY B 195 -25.18 -11.58 -6.84
CA GLY B 195 -26.12 -12.36 -6.06
C GLY B 195 -26.40 -13.76 -6.64
N GLY B 196 -25.66 -14.14 -7.66
CA GLY B 196 -25.89 -15.42 -8.35
C GLY B 196 -25.34 -16.68 -7.69
N ASN B 197 -24.71 -16.50 -6.53
CA ASN B 197 -24.10 -17.60 -5.77
C ASN B 197 -23.18 -18.53 -6.57
N GLY B 198 -22.49 -17.95 -7.55
CA GLY B 198 -21.52 -18.68 -8.36
C GLY B 198 -22.07 -19.55 -9.47
N LEU B 199 -23.37 -19.41 -9.77
CA LEU B 199 -24.07 -20.32 -10.69
C LEU B 199 -24.19 -19.84 -12.13
N THR B 200 -23.52 -18.73 -12.44
CA THR B 200 -23.42 -18.27 -13.81
C THR B 200 -22.05 -18.60 -14.37
N GLY B 201 -21.15 -19.05 -13.49
CA GLY B 201 -19.75 -19.33 -13.83
C GLY B 201 -18.77 -18.89 -12.76
N ILE B 202 -17.48 -18.85 -13.12
CA ILE B 202 -16.44 -18.39 -12.20
C ILE B 202 -16.01 -16.96 -12.51
N ILE B 203 -16.14 -16.08 -11.51
CA ILE B 203 -15.62 -14.73 -11.60
C ILE B 203 -14.13 -14.86 -11.39
N MET B 204 -13.38 -14.42 -12.41
CA MET B 204 -11.93 -14.54 -12.42
C MET B 204 -11.28 -13.26 -11.90
N ARG B 205 -11.88 -12.14 -12.29
CA ARG B 205 -11.27 -10.84 -12.15
C ARG B 205 -12.39 -9.81 -12.16
N ALA B 206 -12.19 -8.71 -11.46
CA ALA B 206 -13.19 -7.66 -11.45
C ALA B 206 -12.59 -6.26 -11.34
N THR B 207 -13.37 -5.27 -11.79
CA THR B 207 -13.03 -3.86 -11.58
C THR B 207 -14.09 -3.25 -10.66
N ILE B 208 -13.65 -2.65 -9.57
CA ILE B 208 -14.55 -2.02 -8.60
C ILE B 208 -14.27 -0.51 -8.56
N GLU B 209 -15.34 0.28 -8.46
CA GLU B 209 -15.21 1.71 -8.22
C GLU B 209 -15.21 1.99 -6.71
N MET B 210 -14.12 2.55 -6.22
CA MET B 210 -13.94 2.77 -4.77
C MET B 210 -14.55 4.08 -4.33
N THR B 211 -14.77 4.22 -3.02
CA THR B 211 -15.24 5.49 -2.46
C THR B 211 -14.02 6.32 -2.07
N PRO B 212 -13.94 7.57 -2.59
CA PRO B 212 -12.82 8.44 -2.23
C PRO B 212 -12.90 8.82 -0.75
N THR B 213 -11.75 8.84 -0.08
CA THR B 213 -11.69 9.21 1.32
C THR B 213 -10.38 9.92 1.60
N SER B 214 -10.42 10.86 2.54
CA SER B 214 -9.19 11.52 2.97
C SER B 214 -8.61 10.95 4.28
N THR B 215 -9.40 10.15 5.00
CA THR B 215 -8.88 9.43 6.17
C THR B 215 -9.32 7.97 6.22
N ALA B 216 -8.66 7.20 7.07
CA ALA B 216 -9.13 5.86 7.43
C ALA B 216 -10.00 5.89 8.69
N TYR B 217 -10.57 7.03 9.03
CA TYR B 217 -11.29 7.18 10.30
C TYR B 217 -12.74 7.56 10.13
N PHE B 218 -13.54 7.21 11.14
CA PHE B 218 -14.95 7.54 11.22
C PHE B 218 -15.21 8.59 12.31
N ILE B 219 -16.21 9.43 12.09
CA ILE B 219 -16.78 10.29 13.13
C ILE B 219 -18.11 9.64 13.55
N ALA B 220 -18.20 9.26 14.82
CA ALA B 220 -19.34 8.45 15.28
C ALA B 220 -20.26 9.16 16.26
N ASP B 221 -21.56 8.94 16.09
CA ASP B 221 -22.58 9.29 17.07
C ASP B 221 -23.22 8.01 17.57
N GLY B 222 -23.34 7.89 18.89
CA GLY B 222 -23.98 6.72 19.51
C GLY B 222 -25.28 7.14 20.18
N ASP B 223 -26.29 6.29 20.06
CA ASP B 223 -27.57 6.53 20.70
C ASP B 223 -28.11 5.28 21.32
N VAL B 224 -29.05 5.49 22.24
CA VAL B 224 -29.66 4.40 22.96
C VAL B 224 -31.18 4.62 22.98
N THR B 225 -31.94 3.52 22.98
CA THR B 225 -33.41 3.56 23.06
C THR B 225 -33.92 2.61 24.15
N ALA B 226 -35.18 2.76 24.53
CA ALA B 226 -35.76 2.01 25.65
C ALA B 226 -36.75 0.93 25.22
N SER B 227 -37.15 0.96 23.95
CA SER B 227 -38.14 0.03 23.42
C SER B 227 -38.02 -0.13 21.90
N LEU B 228 -38.67 -1.17 21.38
CA LEU B 228 -38.77 -1.39 19.94
C LEU B 228 -39.35 -0.18 19.20
N ASP B 229 -40.45 0.37 19.71
CA ASP B 229 -41.12 1.54 19.09
C ASP B 229 -40.18 2.73 18.96
N GLU B 230 -39.35 2.92 19.98
CA GLU B 230 -38.37 3.99 20.00
C GLU B 230 -37.27 3.70 18.98
N THR B 231 -36.84 2.44 18.93
CA THR B 231 -35.87 2.01 17.91
C THR B 231 -36.39 2.35 16.50
N ILE B 232 -37.63 1.94 16.22
CA ILE B 232 -38.28 2.17 14.92
C ILE B 232 -38.43 3.65 14.57
N ALA B 233 -38.84 4.45 15.55
CA ALA B 233 -39.03 5.90 15.36
C ALA B 233 -37.72 6.62 15.01
N LEU B 234 -36.64 6.23 15.68
CA LEU B 234 -35.30 6.80 15.43
C LEU B 234 -34.83 6.53 13.99
N HIS B 235 -35.22 5.38 13.44
CA HIS B 235 -34.88 5.04 12.05
C HIS B 235 -35.87 5.63 11.09
N SER B 236 -36.98 6.14 11.60
CA SER B 236 -38.03 6.72 10.76
C SER B 236 -38.07 8.25 10.78
N ASP B 237 -37.31 8.88 11.67
CA ASP B 237 -37.43 10.33 11.91
C ASP B 237 -36.60 11.21 10.95
N GLY B 238 -36.00 10.59 9.93
CA GLY B 238 -35.18 11.30 8.96
C GLY B 238 -33.72 11.48 9.36
N SER B 239 -33.36 11.07 10.58
CA SER B 239 -31.96 11.16 11.01
C SER B 239 -31.02 10.24 10.23
N GLU B 240 -31.54 9.15 9.68
CA GLU B 240 -30.73 8.20 8.91
C GLU B 240 -30.02 8.87 7.73
N ALA B 241 -30.67 9.88 7.14
CA ALA B 241 -30.13 10.66 6.02
C ALA B 241 -28.85 11.46 6.37
N ARG B 242 -28.62 11.69 7.66
CA ARG B 242 -27.44 12.44 8.12
C ARG B 242 -26.18 11.58 8.26
N TYR B 243 -26.34 10.27 8.20
CA TYR B 243 -25.23 9.33 8.40
C TYR B 243 -25.06 8.40 7.19
N THR B 244 -23.83 8.22 6.74
CA THR B 244 -23.60 7.24 5.68
C THR B 244 -23.60 5.81 6.22
N TYR B 245 -23.21 5.65 7.49
CA TYR B 245 -23.11 4.35 8.13
C TYR B 245 -24.03 4.27 9.35
N SER B 246 -24.79 3.19 9.46
CA SER B 246 -25.72 2.98 10.58
C SER B 246 -26.06 1.51 10.82
N SER B 247 -25.97 1.10 12.09
CA SER B 247 -26.43 -0.21 12.55
C SER B 247 -26.66 -0.17 14.06
N ALA B 248 -27.33 -1.20 14.57
CA ALA B 248 -27.69 -1.24 15.98
C ALA B 248 -27.64 -2.66 16.49
N TRP B 249 -27.25 -2.80 17.76
CA TRP B 249 -27.56 -4.01 18.51
C TRP B 249 -28.91 -3.79 19.11
N PHE B 250 -29.74 -4.84 19.19
CA PHE B 250 -31.02 -4.73 19.88
C PHE B 250 -31.25 -5.87 20.85
N ASP B 251 -32.17 -5.65 21.79
CA ASP B 251 -32.52 -6.58 22.85
C ASP B 251 -33.64 -7.49 22.38
N ALA B 252 -33.33 -8.78 22.25
CA ALA B 252 -34.28 -9.78 21.76
C ALA B 252 -34.72 -10.74 22.88
N ILE B 253 -34.36 -10.42 24.13
CA ILE B 253 -34.61 -11.30 25.26
C ILE B 253 -35.63 -10.73 26.27
N SER B 254 -35.47 -9.46 26.63
CA SER B 254 -36.37 -8.82 27.60
C SER B 254 -37.79 -8.72 27.07
N ALA B 255 -38.76 -8.83 27.97
CA ALA B 255 -40.17 -8.70 27.64
C ALA B 255 -40.52 -7.26 27.26
N PRO B 256 -41.57 -7.08 26.44
CA PRO B 256 -42.02 -5.71 26.17
C PRO B 256 -42.42 -5.00 27.47
N PRO B 257 -42.26 -3.66 27.53
CA PRO B 257 -41.89 -2.74 26.44
C PRO B 257 -40.38 -2.64 26.19
N LYS B 258 -39.56 -3.27 27.03
CA LYS B 258 -38.10 -3.22 26.89
C LYS B 258 -37.60 -3.93 25.63
N LEU B 259 -38.37 -4.91 25.17
CA LEU B 259 -38.04 -5.65 23.95
C LEU B 259 -37.79 -4.70 22.80
N GLY B 260 -36.68 -4.90 22.10
CA GLY B 260 -36.34 -4.07 20.95
C GLY B 260 -35.61 -2.78 21.28
N ARG B 261 -35.21 -2.60 22.53
CA ARG B 261 -34.34 -1.48 22.89
C ARG B 261 -32.99 -1.71 22.21
N ALA B 262 -32.31 -0.62 21.86
CA ALA B 262 -31.12 -0.75 21.01
C ALA B 262 -29.98 0.19 21.37
N ALA B 263 -28.77 -0.27 21.10
CA ALA B 263 -27.59 0.58 21.05
C ALA B 263 -27.28 0.84 19.58
N VAL B 264 -27.42 2.09 19.17
CA VAL B 264 -27.30 2.49 17.77
C VAL B 264 -25.98 3.22 17.55
N SER B 265 -25.24 2.77 16.54
CA SER B 265 -23.96 3.36 16.21
C SER B 265 -24.02 3.91 14.79
N ARG B 266 -23.90 5.23 14.66
CA ARG B 266 -24.01 5.89 13.37
C ARG B 266 -22.86 6.84 13.13
N GLY B 267 -22.52 7.08 11.86
CA GLY B 267 -21.43 7.98 11.53
C GLY B 267 -21.06 8.03 10.07
N ARG B 268 -19.89 8.59 9.80
CA ARG B 268 -19.39 8.79 8.45
C ARG B 268 -17.87 8.85 8.51
N LEU B 269 -17.23 8.74 7.35
CA LEU B 269 -15.79 8.87 7.28
C LEU B 269 -15.36 10.28 7.64
N ALA B 270 -14.26 10.38 8.40
CA ALA B 270 -13.71 11.65 8.83
C ALA B 270 -12.88 12.30 7.73
N THR B 271 -12.82 13.62 7.75
CA THR B 271 -11.92 14.39 6.90
C THR B 271 -10.70 14.73 7.74
N VAL B 272 -9.59 15.07 7.06
CA VAL B 272 -8.31 15.35 7.73
C VAL B 272 -8.46 16.34 8.90
N GLU B 273 -9.17 17.43 8.64
CA GLU B 273 -9.32 18.51 9.62
C GLU B 273 -10.23 18.17 10.81
N GLN B 274 -10.76 16.94 10.83
CA GLN B 274 -11.56 16.46 11.97
C GLN B 274 -10.71 15.57 12.89
N LEU B 275 -9.52 15.23 12.42
CA LEU B 275 -8.59 14.44 13.20
C LEU B 275 -7.75 15.32 14.15
N PRO B 276 -7.47 14.81 15.36
CA PRO B 276 -6.46 15.42 16.22
C PRO B 276 -5.10 15.37 15.54
N ALA B 277 -4.36 16.47 15.62
CA ALA B 277 -3.11 16.68 14.86
C ALA B 277 -2.12 15.51 14.82
N LYS B 278 -2.22 14.60 15.78
CA LYS B 278 -1.35 13.42 15.84
C LYS B 278 -1.65 12.42 14.71
N LEU B 279 -2.92 12.39 14.28
CA LEU B 279 -3.36 11.49 13.23
C LEU B 279 -3.19 12.08 11.83
N ARG B 280 -3.08 13.41 11.75
CA ARG B 280 -2.94 14.13 10.50
C ARG B 280 -1.62 13.84 9.77
N SER B 281 -0.65 13.31 10.51
CA SER B 281 0.63 12.90 9.94
C SER B 281 0.49 11.64 9.07
N GLU B 282 -0.46 10.78 9.42
CA GLU B 282 -0.79 9.63 8.59
C GLU B 282 -2.31 9.34 8.58
N PRO B 283 -3.09 10.22 7.94
CA PRO B 283 -4.56 10.15 7.98
C PRO B 283 -5.12 8.84 7.45
N LEU B 284 -4.36 8.19 6.56
CA LEU B 284 -4.82 7.00 5.86
C LEU B 284 -4.21 5.73 6.48
N LYS B 285 -3.66 5.88 7.69
CA LYS B 285 -3.10 4.78 8.49
C LYS B 285 -4.04 3.60 8.54
N PHE B 286 -3.55 2.43 8.14
CA PHE B 286 -4.37 1.24 8.19
C PHE B 286 -4.52 0.70 9.61
N ASP B 287 -5.76 0.31 9.96
CA ASP B 287 -6.05 -0.28 11.26
C ASP B 287 -5.78 -1.80 11.27
N ALA B 288 -4.67 -2.19 11.88
CA ALA B 288 -4.21 -3.60 11.89
C ALA B 288 -5.07 -4.52 12.78
N PRO B 289 -5.57 -5.64 12.19
CA PRO B 289 -6.52 -6.57 12.85
C PRO B 289 -6.12 -6.98 14.27
N PRO B 310 -36.44 3.79 36.68
CA PRO B 310 -36.98 5.14 36.93
C PRO B 310 -35.87 6.20 36.87
N ILE B 311 -35.05 6.28 37.92
CA ILE B 311 -33.86 7.13 37.95
C ILE B 311 -32.79 6.49 37.05
N GLY B 312 -32.84 5.16 36.95
CA GLY B 312 -31.94 4.37 36.12
C GLY B 312 -32.03 4.67 34.63
N GLU B 313 -33.24 4.98 34.15
CA GLU B 313 -33.43 5.25 32.72
C GLU B 313 -32.74 6.54 32.24
N LEU B 314 -32.80 7.60 33.06
CA LEU B 314 -32.07 8.84 32.78
C LEU B 314 -30.57 8.61 32.63
N TRP B 315 -30.03 7.74 33.48
CA TRP B 315 -28.62 7.38 33.42
C TRP B 315 -28.30 6.54 32.21
N TYR B 316 -29.08 5.48 32.01
CA TYR B 316 -29.01 4.62 30.82
C TYR B 316 -28.81 5.43 29.53
N ARG B 317 -29.63 6.47 29.36
CA ARG B 317 -29.57 7.34 28.17
C ARG B 317 -28.28 8.14 28.08
N LYS B 318 -27.96 8.88 29.14
CA LYS B 318 -26.74 9.68 29.23
C LYS B 318 -25.51 8.81 28.97
N SER B 319 -25.45 7.65 29.64
CA SER B 319 -24.36 6.68 29.51
C SER B 319 -24.13 6.22 28.06
N GLY B 320 -25.20 5.88 27.35
CA GLY B 320 -25.09 5.31 26.01
C GLY B 320 -25.15 6.30 24.85
N THR B 321 -25.09 7.60 25.17
CA THR B 321 -25.14 8.63 24.15
C THR B 321 -23.80 9.35 24.01
N TYR B 322 -23.32 9.46 22.79
CA TYR B 322 -22.13 10.25 22.49
C TYR B 322 -22.24 10.94 21.14
N ARG B 323 -21.42 11.98 20.94
CA ARG B 323 -21.43 12.73 19.69
C ARG B 323 -20.01 12.99 19.21
N GLY B 324 -19.78 12.81 17.91
CA GLY B 324 -18.52 13.17 17.27
C GLY B 324 -17.28 12.41 17.71
N LYS B 325 -17.46 11.18 18.14
CA LYS B 325 -16.34 10.35 18.56
C LYS B 325 -15.52 9.89 17.36
N VAL B 326 -14.20 10.04 17.46
CA VAL B 326 -13.28 9.61 16.41
C VAL B 326 -12.90 8.16 16.67
N GLN B 327 -13.24 7.29 15.72
CA GLN B 327 -13.00 5.86 15.85
C GLN B 327 -12.29 5.32 14.62
N ASN B 328 -11.42 4.33 14.81
CA ASN B 328 -10.88 3.59 13.67
C ASN B 328 -11.88 2.54 13.17
N LEU B 329 -11.45 1.72 12.22
CA LEU B 329 -12.33 0.69 11.67
C LEU B 329 -12.78 -0.33 12.73
N THR B 330 -11.83 -0.83 13.53
CA THR B 330 -12.13 -1.83 14.57
C THR B 330 -13.15 -1.28 15.57
N GLN B 331 -12.89 -0.08 16.09
CA GLN B 331 -13.78 0.55 17.06
C GLN B 331 -15.18 0.78 16.48
N PHE B 332 -15.24 1.32 15.27
CA PHE B 332 -16.51 1.69 14.67
C PHE B 332 -17.25 0.51 14.07
N TYR B 333 -16.53 -0.35 13.35
CA TYR B 333 -17.15 -1.33 12.47
C TYR B 333 -17.17 -2.73 13.07
N HIS B 334 -16.14 -3.08 13.83
CA HIS B 334 -16.04 -4.43 14.39
C HIS B 334 -15.99 -4.48 15.91
N PRO B 335 -17.06 -3.98 16.59
CA PRO B 335 -17.07 -4.07 18.05
C PRO B 335 -17.76 -5.35 18.56
N GLY B 350 -22.85 -25.16 19.04
CA GLY B 350 -23.36 -24.72 17.75
C GLY B 350 -24.40 -23.62 17.88
N PHE B 351 -24.40 -22.72 16.89
CA PHE B 351 -25.38 -21.65 16.81
C PHE B 351 -25.99 -21.60 15.42
N LEU B 352 -27.30 -21.33 15.36
CA LEU B 352 -27.96 -21.11 14.08
C LEU B 352 -28.10 -19.61 13.85
N GLN B 353 -27.40 -19.12 12.84
CA GLN B 353 -27.48 -17.72 12.43
C GLN B 353 -28.68 -17.53 11.49
N TYR B 354 -29.58 -16.64 11.88
CA TYR B 354 -30.81 -16.39 11.12
C TYR B 354 -30.87 -14.92 10.72
N GLN B 355 -31.00 -14.66 9.42
CA GLN B 355 -31.14 -13.29 8.92
C GLN B 355 -32.33 -13.13 7.99
N PHE B 356 -33.06 -12.04 8.17
CA PHE B 356 -34.20 -11.74 7.32
C PHE B 356 -34.41 -10.24 7.20
N VAL B 357 -35.13 -9.85 6.15
CA VAL B 357 -35.53 -8.46 5.98
C VAL B 357 -37.03 -8.39 5.79
N ILE B 358 -37.66 -7.39 6.41
CA ILE B 358 -39.09 -7.18 6.30
C ILE B 358 -39.29 -5.84 5.64
N PRO B 359 -40.13 -5.76 4.58
CA PRO B 359 -40.28 -4.49 3.83
C PRO B 359 -40.71 -3.33 4.75
N THR B 360 -40.27 -2.12 4.43
CA THR B 360 -40.42 -0.98 5.33
C THR B 360 -41.86 -0.78 5.82
N GLU B 361 -42.81 -0.82 4.90
CA GLU B 361 -44.19 -0.47 5.23
C GLU B 361 -44.88 -1.49 6.14
N ALA B 362 -44.32 -2.69 6.24
CA ALA B 362 -44.88 -3.73 7.09
C ALA B 362 -44.29 -3.70 8.51
N VAL B 363 -44.31 -2.50 9.09
CA VAL B 363 -43.74 -2.23 10.42
C VAL B 363 -44.44 -3.01 11.53
N ASP B 364 -45.77 -3.07 11.47
CA ASP B 364 -46.55 -3.76 12.48
C ASP B 364 -46.21 -5.25 12.52
N GLU B 365 -46.08 -5.83 11.33
CA GLU B 365 -45.73 -7.24 11.19
C GLU B 365 -44.31 -7.51 11.65
N PHE B 366 -43.41 -6.55 11.41
CA PHE B 366 -42.04 -6.64 11.89
C PHE B 366 -41.99 -6.71 13.42
N LYS B 367 -42.67 -5.78 14.09
CA LYS B 367 -42.83 -5.81 15.55
C LYS B 367 -43.35 -7.15 16.08
N LYS B 368 -44.34 -7.70 15.39
CA LYS B 368 -44.92 -8.99 15.74
C LYS B 368 -43.88 -10.11 15.67
N ILE B 369 -43.01 -10.09 14.66
CA ILE B 369 -42.00 -11.15 14.51
C ILE B 369 -40.91 -11.08 15.59
N ILE B 370 -40.52 -9.87 15.98
CA ILE B 370 -39.58 -9.68 17.08
C ILE B 370 -40.22 -10.23 18.37
N GLY B 371 -41.50 -9.90 18.57
CA GLY B 371 -42.28 -10.43 19.69
C GLY B 371 -42.27 -11.95 19.75
N VAL B 372 -42.60 -12.57 18.63
CA VAL B 372 -42.58 -14.03 18.51
C VAL B 372 -41.21 -14.58 18.92
N ILE B 373 -40.14 -13.95 18.44
CA ILE B 373 -38.78 -14.33 18.84
C ILE B 373 -38.58 -14.27 20.37
N GLN B 374 -38.94 -13.14 20.97
CA GLN B 374 -38.78 -12.93 22.43
C GLN B 374 -39.54 -13.98 23.24
N ALA B 375 -40.84 -14.13 22.95
CA ALA B 375 -41.71 -15.03 23.68
C ALA B 375 -41.45 -16.54 23.43
N SER B 376 -40.55 -16.84 22.51
CA SER B 376 -40.34 -18.22 22.05
C SER B 376 -39.42 -19.06 22.92
N GLY B 377 -38.79 -18.44 23.93
CA GLY B 377 -37.83 -19.15 24.77
C GLY B 377 -36.46 -19.35 24.14
N HIS B 378 -36.32 -19.03 22.86
CA HIS B 378 -35.02 -19.07 22.18
C HIS B 378 -34.34 -17.73 22.33
N TYR B 379 -33.18 -17.74 22.98
CA TYR B 379 -32.54 -16.52 23.41
C TYR B 379 -31.30 -16.15 22.57
N SER B 380 -31.34 -14.96 21.97
CA SER B 380 -30.22 -14.48 21.15
C SER B 380 -29.68 -13.18 21.70
N PHE B 381 -28.35 -13.11 21.84
CA PHE B 381 -27.63 -11.93 22.35
C PHE B 381 -26.94 -11.16 21.22
N LEU B 382 -26.44 -11.88 20.22
CA LEU B 382 -25.74 -11.28 19.10
C LEU B 382 -26.75 -10.85 18.05
N ASN B 383 -27.29 -9.65 18.23
CA ASN B 383 -28.35 -9.14 17.37
C ASN B 383 -27.90 -7.93 16.54
N VAL B 384 -28.32 -7.90 15.28
CA VAL B 384 -28.07 -6.76 14.41
C VAL B 384 -29.40 -6.22 13.91
N PHE B 385 -29.55 -4.91 13.95
CA PHE B 385 -30.71 -4.20 13.43
C PHE B 385 -30.17 -3.17 12.44
N LYS B 386 -30.82 -3.06 11.29
CA LYS B 386 -30.45 -2.08 10.28
C LYS B 386 -31.61 -1.84 9.30
N LEU B 387 -31.80 -0.58 8.92
CA LEU B 387 -32.80 -0.22 7.91
C LEU B 387 -32.12 -0.11 6.55
N PHE B 388 -32.41 -1.08 5.68
CA PHE B 388 -31.89 -1.14 4.30
C PHE B 388 -32.45 -0.01 3.45
N GLY B 389 -31.66 0.50 2.51
CA GLY B 389 -32.13 1.47 1.52
C GLY B 389 -32.61 0.76 0.25
N PRO B 390 -32.72 1.50 -0.86
CA PRO B 390 -33.25 0.95 -2.12
C PRO B 390 -32.49 -0.27 -2.65
N ARG B 391 -33.22 -1.18 -3.29
CA ARG B 391 -32.59 -2.37 -3.87
CA ARG B 391 -32.64 -2.38 -3.89
C ARG B 391 -31.88 -2.05 -5.19
N ASN B 392 -31.15 -3.03 -5.72
CA ASN B 392 -30.52 -2.87 -7.03
C ASN B 392 -31.17 -3.84 -8.02
N GLN B 393 -30.65 -3.90 -9.24
CA GLN B 393 -31.33 -4.62 -10.32
C GLN B 393 -31.01 -6.13 -10.43
N ALA B 394 -30.26 -6.67 -9.47
CA ALA B 394 -29.92 -8.10 -9.49
C ALA B 394 -31.11 -8.96 -9.06
N PRO B 395 -31.62 -9.83 -9.96
CA PRO B 395 -32.80 -10.63 -9.64
C PRO B 395 -32.74 -11.35 -8.29
N LEU B 396 -31.57 -11.87 -7.90
CA LEU B 396 -31.45 -12.61 -6.63
C LEU B 396 -30.85 -11.83 -5.45
N SER B 397 -30.67 -10.52 -5.61
CA SER B 397 -30.12 -9.67 -4.56
C SER B 397 -30.98 -9.73 -3.30
N PHE B 398 -30.36 -10.03 -2.17
CA PHE B 398 -31.08 -10.09 -0.88
C PHE B 398 -31.71 -8.75 -0.42
N PRO B 399 -30.91 -7.66 -0.33
CA PRO B 399 -31.51 -6.47 0.30
C PRO B 399 -32.70 -5.85 -0.47
N ILE B 400 -33.74 -5.52 0.28
CA ILE B 400 -34.82 -4.65 -0.18
C ILE B 400 -35.00 -3.59 0.90
N PRO B 401 -35.60 -2.42 0.55
CA PRO B 401 -35.84 -1.41 1.60
C PRO B 401 -36.64 -1.99 2.76
N GLY B 402 -36.19 -1.76 3.99
CA GLY B 402 -36.86 -2.33 5.16
C GLY B 402 -35.98 -2.81 6.29
N TRP B 403 -36.60 -3.53 7.23
CA TRP B 403 -36.01 -3.89 8.51
C TRP B 403 -35.22 -5.17 8.44
N ASN B 404 -33.90 -5.02 8.44
CA ASN B 404 -32.96 -6.15 8.44
C ASN B 404 -32.56 -6.57 9.85
N ILE B 405 -32.71 -7.87 10.12
CA ILE B 405 -32.44 -8.47 11.43
C ILE B 405 -31.49 -9.68 11.29
N CYS B 406 -30.44 -9.68 12.10
CA CYS B 406 -29.63 -10.87 12.33
C CYS B 406 -29.79 -11.32 13.77
N VAL B 407 -30.09 -12.61 13.95
CA VAL B 407 -30.14 -13.23 15.28
C VAL B 407 -29.34 -14.53 15.28
N ASP B 408 -28.82 -14.90 16.46
CA ASP B 408 -27.98 -16.08 16.60
C ASP B 408 -28.55 -16.98 17.69
N PHE B 409 -29.26 -18.04 17.29
CA PHE B 409 -29.90 -18.94 18.24
C PHE B 409 -28.99 -20.11 18.63
N PRO B 410 -28.76 -20.31 19.95
CA PRO B 410 -28.03 -21.50 20.38
C PRO B 410 -28.84 -22.75 20.01
N ILE B 411 -28.19 -23.70 19.36
CA ILE B 411 -28.86 -24.94 18.98
C ILE B 411 -29.39 -25.65 20.23
N LYS B 412 -30.71 -25.79 20.29
CA LYS B 412 -31.38 -26.55 21.35
C LYS B 412 -32.70 -27.11 20.81
N ASP B 413 -33.44 -27.82 21.66
CA ASP B 413 -34.61 -28.59 21.23
C ASP B 413 -35.77 -27.73 20.75
N GLY B 414 -36.31 -28.11 19.59
CA GLY B 414 -37.45 -27.41 18.98
C GLY B 414 -37.09 -26.28 18.03
N LEU B 415 -35.79 -25.95 17.95
CA LEU B 415 -35.33 -24.79 17.17
C LEU B 415 -35.71 -24.88 15.69
N GLY B 416 -35.41 -26.03 15.08
CA GLY B 416 -35.74 -26.28 13.67
C GLY B 416 -37.19 -26.01 13.34
N LYS B 417 -38.09 -26.43 14.22
CA LYS B 417 -39.52 -26.20 14.08
C LYS B 417 -39.84 -24.71 14.22
N PHE B 418 -39.23 -24.08 15.22
CA PHE B 418 -39.44 -22.66 15.44
C PHE B 418 -38.98 -21.77 14.27
N VAL B 419 -37.79 -22.05 13.73
CA VAL B 419 -37.26 -21.26 12.60
C VAL B 419 -38.08 -21.47 11.32
N SER B 420 -38.62 -22.68 11.14
CA SER B 420 -39.56 -22.93 10.05
C SER B 420 -40.77 -22.02 10.14
N GLU B 421 -41.23 -21.77 11.36
CA GLU B 421 -42.37 -20.90 11.61
C GLU B 421 -42.02 -19.44 11.33
N LEU B 422 -40.78 -19.08 11.63
CA LEU B 422 -40.29 -17.75 11.31
C LEU B 422 -40.25 -17.52 9.81
N ASP B 423 -39.74 -18.51 9.08
CA ASP B 423 -39.72 -18.49 7.62
C ASP B 423 -41.07 -18.10 7.05
N ARG B 424 -42.11 -18.81 7.50
CA ARG B 424 -43.45 -18.62 6.98
C ARG B 424 -44.03 -17.26 7.34
N ARG B 425 -43.60 -16.72 8.48
CA ARG B 425 -43.99 -15.35 8.85
C ARG B 425 -43.27 -14.36 7.93
N VAL B 426 -41.94 -14.51 7.82
CA VAL B 426 -41.14 -13.66 6.93
C VAL B 426 -41.74 -13.70 5.51
N LEU B 427 -42.05 -14.91 5.05
CA LEU B 427 -42.71 -15.12 3.77
C LEU B 427 -44.03 -14.35 3.67
N GLU B 428 -44.91 -14.56 4.64
CA GLU B 428 -46.22 -13.92 4.68
C GLU B 428 -46.10 -12.42 4.53
N PHE B 429 -45.13 -11.82 5.20
CA PHE B 429 -45.04 -10.37 5.27
C PHE B 429 -44.25 -9.74 4.10
N GLY B 430 -43.91 -10.55 3.09
CA GLY B 430 -43.20 -10.04 1.92
C GLY B 430 -41.69 -9.90 2.08
N GLY B 431 -41.14 -10.46 3.15
CA GLY B 431 -39.71 -10.37 3.39
C GLY B 431 -38.97 -11.53 2.76
N ARG B 432 -37.68 -11.64 3.03
CA ARG B 432 -36.89 -12.78 2.56
C ARG B 432 -35.74 -13.18 3.47
N LEU B 433 -35.19 -14.35 3.19
CA LEU B 433 -33.95 -14.84 3.79
C LEU B 433 -32.77 -14.65 2.83
N TYR B 434 -31.56 -14.74 3.39
CA TYR B 434 -30.31 -14.47 2.70
C TYR B 434 -29.62 -15.81 2.43
N THR B 435 -29.23 -16.05 1.18
CA THR B 435 -28.54 -17.29 0.77
C THR B 435 -27.23 -17.50 1.53
N ALA B 436 -26.53 -16.41 1.85
CA ALA B 436 -25.24 -16.47 2.53
C ALA B 436 -25.32 -17.01 3.96
N LYS B 437 -26.52 -17.13 4.50
CA LYS B 437 -26.70 -17.66 5.84
C LYS B 437 -27.70 -18.80 5.92
N ASP B 438 -27.96 -19.46 4.79
CA ASP B 438 -29.01 -20.46 4.75
C ASP B 438 -28.58 -21.82 4.20
N SER B 439 -29.02 -22.87 4.90
CA SER B 439 -28.82 -24.25 4.45
C SER B 439 -30.09 -25.10 4.63
N ARG B 440 -31.12 -24.52 5.25
CA ARG B 440 -32.29 -25.29 5.70
C ARG B 440 -33.61 -25.04 4.98
N THR B 441 -33.82 -23.83 4.46
CA THR B 441 -35.10 -23.47 3.83
C THR B 441 -35.40 -24.31 2.57
N THR B 442 -36.67 -24.37 2.18
CA THR B 442 -37.12 -25.19 1.05
C THR B 442 -37.06 -24.42 -0.26
N ALA B 443 -37.13 -25.15 -1.38
CA ALA B 443 -37.17 -24.54 -2.70
C ALA B 443 -38.37 -23.60 -2.85
N GLU B 444 -39.53 -24.03 -2.35
CA GLU B 444 -40.77 -23.30 -2.52
C GLU B 444 -40.76 -21.97 -1.76
N THR B 445 -40.26 -22.00 -0.53
CA THR B 445 -40.10 -20.81 0.29
C THR B 445 -39.19 -19.78 -0.38
N PHE B 446 -38.01 -20.21 -0.82
CA PHE B 446 -37.08 -19.33 -1.54
C PHE B 446 -37.69 -18.70 -2.78
N HIS B 447 -38.32 -19.53 -3.62
CA HIS B 447 -38.90 -19.09 -4.89
C HIS B 447 -39.97 -18.05 -4.69
N ALA B 448 -40.76 -18.24 -3.63
CA ALA B 448 -41.80 -17.28 -3.26
C ALA B 448 -41.21 -15.99 -2.69
N MET B 449 -40.07 -16.08 -2.02
CA MET B 449 -39.37 -14.93 -1.48
C MET B 449 -38.70 -14.08 -2.56
N TYR B 450 -38.37 -14.72 -3.67
CA TYR B 450 -37.69 -14.03 -4.76
C TYR B 450 -38.51 -14.12 -6.06
N PRO B 451 -39.49 -13.21 -6.23
CA PRO B 451 -40.39 -13.28 -7.39
C PRO B 451 -39.66 -13.24 -8.75
N ARG B 452 -38.47 -12.64 -8.79
CA ARG B 452 -37.69 -12.56 -10.03
C ARG B 452 -36.82 -13.80 -10.30
N VAL B 453 -37.06 -14.89 -9.54
CA VAL B 453 -36.23 -16.09 -9.63
C VAL B 453 -36.33 -16.81 -11.00
N ASP B 454 -37.54 -16.90 -11.54
CA ASP B 454 -37.73 -17.58 -12.83
C ASP B 454 -37.03 -16.81 -13.95
N GLU B 455 -37.14 -15.48 -13.91
CA GLU B 455 -36.36 -14.59 -14.77
C GLU B 455 -34.86 -14.90 -14.67
N TRP B 456 -34.37 -15.07 -13.44
CA TRP B 456 -32.98 -15.38 -13.17
C TRP B 456 -32.57 -16.74 -13.67
N ILE B 457 -33.44 -17.72 -13.49
CA ILE B 457 -33.18 -19.10 -13.95
C ILE B 457 -33.02 -19.18 -15.47
N SER B 458 -33.86 -18.44 -16.21
CA SER B 458 -33.74 -18.30 -17.66
C SER B 458 -32.34 -17.87 -18.09
N VAL B 459 -31.91 -16.72 -17.58
CA VAL B 459 -30.58 -16.17 -17.85
C VAL B 459 -29.50 -17.21 -17.59
N ARG B 460 -29.70 -17.97 -16.51
CA ARG B 460 -28.74 -18.97 -16.04
C ARG B 460 -28.63 -20.21 -16.95
N ARG B 461 -29.75 -20.66 -17.50
CA ARG B 461 -29.76 -21.77 -18.44
C ARG B 461 -29.21 -21.34 -19.79
N LYS B 462 -29.46 -20.08 -20.13
CA LYS B 462 -28.94 -19.46 -21.34
C LYS B 462 -27.40 -19.36 -21.32
N VAL B 463 -26.80 -19.57 -20.15
CA VAL B 463 -25.35 -19.47 -19.98
C VAL B 463 -24.72 -20.78 -19.48
N ASP B 464 -25.55 -21.69 -18.98
CA ASP B 464 -25.07 -22.98 -18.49
C ASP B 464 -26.13 -24.10 -18.70
N PRO B 465 -26.43 -24.44 -19.97
CA PRO B 465 -27.43 -25.47 -20.28
C PRO B 465 -27.06 -26.86 -19.75
N LEU B 466 -25.78 -27.23 -19.88
CA LEU B 466 -25.28 -28.55 -19.47
C LEU B 466 -25.19 -28.72 -17.95
N ARG B 467 -25.43 -27.64 -17.21
CA ARG B 467 -25.32 -27.62 -15.74
C ARG B 467 -23.89 -27.91 -15.27
N VAL B 468 -22.92 -27.26 -15.91
CA VAL B 468 -21.50 -27.39 -15.54
C VAL B 468 -21.24 -26.81 -14.13
N PHE B 469 -22.04 -25.80 -13.76
CA PHE B 469 -21.96 -25.20 -12.43
C PHE B 469 -23.15 -25.59 -11.55
N ALA B 470 -22.84 -26.16 -10.39
CA ALA B 470 -23.86 -26.63 -9.45
C ALA B 470 -23.27 -26.66 -8.04
N SER B 471 -24.15 -26.65 -7.04
CA SER B 471 -23.74 -26.71 -5.63
C SER B 471 -24.85 -27.35 -4.80
N ASP B 472 -24.56 -27.60 -3.52
CA ASP B 472 -25.58 -28.11 -2.59
C ASP B 472 -26.78 -27.17 -2.47
N MET B 473 -26.53 -25.86 -2.49
CA MET B 473 -27.61 -24.87 -2.46
C MET B 473 -28.46 -24.92 -3.72
N ALA B 474 -27.79 -25.02 -4.87
CA ALA B 474 -28.45 -25.07 -6.16
C ALA B 474 -29.42 -26.23 -6.29
N ARG B 475 -29.02 -27.40 -5.76
CA ARG B 475 -29.87 -28.60 -5.82
C ARG B 475 -31.02 -28.51 -4.82
N ARG B 476 -30.72 -28.06 -3.62
CA ARG B 476 -31.71 -27.88 -2.55
C ARG B 476 -32.78 -26.84 -2.89
N LEU B 477 -32.37 -25.74 -3.51
CA LEU B 477 -33.27 -24.62 -3.82
C LEU B 477 -33.76 -24.65 -5.26
N GLU B 478 -33.37 -25.70 -5.98
CA GLU B 478 -33.77 -25.91 -7.38
C GLU B 478 -33.57 -24.68 -8.27
N LEU B 479 -32.39 -24.08 -8.16
CA LEU B 479 -32.03 -22.91 -8.96
C LEU B 479 -31.27 -23.37 -10.21
N LEU B 480 -30.98 -24.66 -10.27
CA LEU B 480 -30.25 -25.27 -11.35
C LEU B 480 -31.09 -25.25 -12.63
#